data_5QAP
#
_entry.id   5QAP
#
_cell.length_a   88.771
_cell.length_b   108.629
_cell.length_c   124.634
_cell.angle_alpha   90.000
_cell.angle_beta   90.000
_cell.angle_gamma   90.000
#
_symmetry.space_group_name_H-M   'P 21 21 21'
#
loop_
_entity.id
_entity.type
_entity.pdbx_description
1 polymer Beta-lactamase
2 non-polymer 'CHLORIDE ION'
3 non-polymer 1,2-ETHANEDIOL
4 non-polymer '3-(3-acetamidophenyl)benzoic acid'
5 water water
#
_entity_poly.entity_id   1
_entity_poly.type   'polypeptide(L)'
_entity_poly.pdbx_seq_one_letter_code
;KEWQENKSWNAHFTEHKSQGVVVLWNENKQQGFTNNLKRANQAFLPASTF(KCX)IPNSLIALDLGVVKDEHQVFKWDGQ
TRDIATWNRDHNLITAMKYSVVPVYQEFARQIGEARMSKMLHAFDYGNEDISGNVDSFWLDGGIRISATEQISFLRKLYH
NKLHVSERSQRIVKQAMLTEANGDYIIRAKTGYSTRIEPKIGWWVGWVELDDNVWFFAMNMDMPTSDGLGLRQAITKEVL
KQEKIIP
;
_entity_poly.pdbx_strand_id   A,B,C,D
#
loop_
_chem_comp.id
_chem_comp.type
_chem_comp.name
_chem_comp.formula
AV7 non-polymer '3-(3-acetamidophenyl)benzoic acid' 'C15 H13 N O3'
CL non-polymer 'CHLORIDE ION' 'Cl -1'
EDO non-polymer 1,2-ETHANEDIOL 'C2 H6 O2'
#
# COMPACT_ATOMS: atom_id res chain seq x y z
N GLU A 2 54.00 -10.35 -1.93
CA GLU A 2 52.96 -9.79 -2.79
C GLU A 2 51.63 -9.71 -2.06
N TRP A 3 51.35 -10.72 -1.24
CA TRP A 3 50.12 -10.77 -0.46
C TRP A 3 50.45 -10.95 1.01
N GLN A 4 49.90 -10.08 1.84
CA GLN A 4 50.07 -10.19 3.28
C GLN A 4 48.72 -10.35 3.97
N GLU A 5 48.68 -11.27 4.91
CA GLU A 5 47.50 -11.55 5.71
C GLU A 5 47.72 -10.96 7.10
N ASN A 6 46.75 -10.20 7.58
CA ASN A 6 46.80 -9.59 8.92
C ASN A 6 45.58 -10.04 9.69
N LYS A 7 45.69 -11.14 10.45
CA LYS A 7 44.49 -11.69 11.09
C LYS A 7 43.97 -10.79 12.19
N SER A 8 44.80 -9.86 12.69
CA SER A 8 44.31 -8.94 13.71
C SER A 8 43.21 -8.04 13.15
N TRP A 9 43.16 -7.83 11.84
CA TRP A 9 42.07 -7.05 11.25
C TRP A 9 40.71 -7.70 11.40
N ASN A 10 40.63 -8.98 11.78
CA ASN A 10 39.33 -9.63 12.00
C ASN A 10 38.51 -8.87 13.03
N ALA A 11 39.15 -8.13 13.92
CA ALA A 11 38.43 -7.39 14.95
C ALA A 11 37.44 -6.40 14.35
N HIS A 12 37.71 -5.89 13.15
CA HIS A 12 36.77 -4.98 12.51
C HIS A 12 35.40 -5.63 12.36
N PHE A 13 35.36 -6.95 12.12
CA PHE A 13 34.11 -7.66 11.95
C PHE A 13 33.59 -8.24 13.26
N THR A 14 34.47 -8.90 14.03
CA THR A 14 33.99 -9.59 15.22
C THR A 14 33.50 -8.61 16.28
N GLU A 15 34.02 -7.39 16.30
CA GLU A 15 33.49 -6.38 17.21
C GLU A 15 32.03 -6.05 16.91
N HIS A 16 31.53 -6.36 15.71
CA HIS A 16 30.11 -6.22 15.39
C HIS A 16 29.40 -7.57 15.35
N LYS A 17 29.95 -8.57 16.04
CA LYS A 17 29.37 -9.91 16.10
C LYS A 17 29.13 -10.45 14.68
N SER A 18 30.07 -10.16 13.78
CA SER A 18 30.03 -10.55 12.38
C SER A 18 31.33 -11.25 12.02
N GLN A 19 31.42 -11.62 10.75
CA GLN A 19 32.61 -12.19 10.12
C GLN A 19 32.65 -11.68 8.68
N GLY A 20 33.86 -11.52 8.15
CA GLY A 20 33.97 -11.09 6.76
C GLY A 20 35.41 -11.01 6.29
N VAL A 21 35.57 -10.40 5.12
CA VAL A 21 36.89 -10.22 4.51
C VAL A 21 36.96 -8.84 3.89
N VAL A 22 38.10 -8.18 4.11
CA VAL A 22 38.49 -6.99 3.37
C VAL A 22 39.75 -7.31 2.60
N VAL A 23 39.78 -6.92 1.32
CA VAL A 23 40.96 -7.06 0.46
C VAL A 23 41.30 -5.67 -0.06
N LEU A 24 42.56 -5.28 0.10
CA LEU A 24 43.09 -4.01 -0.38
C LEU A 24 44.20 -4.29 -1.38
N TRP A 25 44.30 -3.45 -2.42
CA TRP A 25 45.38 -3.57 -3.40
C TRP A 25 45.99 -2.20 -3.64
N ASN A 26 47.29 -2.07 -3.37
CA ASN A 26 48.07 -0.85 -3.59
C ASN A 26 48.56 -0.88 -5.03
N GLU A 27 48.01 -0.02 -5.88
CA GLU A 27 48.33 -0.11 -7.30
C GLU A 27 49.79 0.25 -7.57
N ASN A 28 50.29 1.30 -6.91
CA ASN A 28 51.67 1.72 -7.13
C ASN A 28 52.66 0.63 -6.76
N LYS A 29 52.45 0.00 -5.61
CA LYS A 29 53.39 -0.99 -5.12
C LYS A 29 53.05 -2.41 -5.57
N GLN A 30 51.90 -2.62 -6.20
CA GLN A 30 51.48 -3.94 -6.67
C GLN A 30 51.52 -4.96 -5.53
N GLN A 31 50.88 -4.58 -4.41
CA GLN A 31 50.84 -5.40 -3.21
C GLN A 31 49.43 -5.44 -2.68
N GLY A 32 49.06 -6.60 -2.15
CA GLY A 32 47.75 -6.84 -1.59
C GLY A 32 47.75 -7.15 -0.10
N PHE A 33 46.63 -6.89 0.56
CA PHE A 33 46.49 -7.05 2.00
C PHE A 33 45.09 -7.55 2.32
N THR A 34 44.98 -8.52 3.23
CA THR A 34 43.67 -9.01 3.64
C THR A 34 43.74 -9.54 5.06
N ASN A 35 42.58 -9.61 5.72
CA ASN A 35 42.47 -10.27 7.01
C ASN A 35 42.36 -11.78 6.90
N ASN A 36 41.99 -12.31 5.73
CA ASN A 36 41.65 -13.73 5.60
C ASN A 36 41.86 -14.18 4.15
N LEU A 37 43.02 -14.81 3.88
CA LEU A 37 43.32 -15.23 2.51
C LEU A 37 42.30 -16.25 2.00
N LYS A 38 41.81 -17.14 2.86
CA LYS A 38 40.85 -18.12 2.40
C LYS A 38 39.56 -17.45 1.93
N ARG A 39 38.97 -16.61 2.78
CA ARG A 39 37.68 -16.02 2.41
C ARG A 39 37.85 -15.02 1.28
N ALA A 40 39.04 -14.42 1.16
CA ALA A 40 39.36 -13.55 0.04
C ALA A 40 39.17 -14.28 -1.29
N ASN A 41 39.34 -15.60 -1.30
CA ASN A 41 39.25 -16.39 -2.52
C ASN A 41 38.02 -17.29 -2.57
N GLN A 42 37.09 -17.11 -1.66
CA GLN A 42 35.81 -17.82 -1.72
C GLN A 42 34.83 -17.04 -2.59
N ALA A 43 34.11 -17.77 -3.44
CA ALA A 43 33.23 -17.16 -4.43
C ALA A 43 31.79 -17.07 -3.91
N PHE A 44 31.21 -15.88 -4.03
CA PHE A 44 29.84 -15.66 -3.60
C PHE A 44 29.02 -15.12 -4.77
N LEU A 45 27.71 -15.14 -4.65
CA LEU A 45 26.87 -14.42 -5.60
C LEU A 45 27.29 -12.95 -5.62
N PRO A 46 27.41 -12.34 -6.80
CA PRO A 46 27.78 -10.91 -6.84
C PRO A 46 26.65 -9.99 -6.41
N ALA A 47 25.40 -10.41 -6.58
CA ALA A 47 24.23 -9.58 -6.31
C ALA A 47 24.41 -8.23 -7.00
N SER A 48 24.11 -7.12 -6.32
CA SER A 48 24.10 -5.86 -7.06
C SER A 48 25.50 -5.36 -7.44
N THR A 49 26.60 -6.01 -7.00
CA THR A 49 27.87 -5.60 -7.60
C THR A 49 27.93 -5.95 -9.07
N PHE A 50 27.04 -6.85 -9.52
CA PHE A 50 26.95 -7.22 -10.91
C PHE A 50 26.44 -6.07 -11.77
N KCX A 51 25.92 -5.01 -11.16
CA KCX A 51 25.48 -3.87 -11.95
CB KCX A 51 24.72 -2.89 -11.05
CG KCX A 51 23.30 -3.45 -10.70
CD KCX A 51 22.43 -2.48 -9.94
CE KCX A 51 21.03 -3.05 -9.69
NZ KCX A 51 21.10 -4.21 -8.78
C KCX A 51 26.66 -3.20 -12.66
O KCX A 51 26.48 -2.52 -13.66
CX KCX A 51 20.99 -5.48 -9.20
OQ1 KCX A 51 21.07 -6.40 -8.36
OQ2 KCX A 51 20.75 -5.72 -10.39
H KCX A 51 25.82 -4.93 -10.30
HA KCX A 51 24.86 -4.19 -12.63
HB2 KCX A 51 24.59 -2.05 -11.54
HG2 KCX A 51 23.41 -4.24 -10.15
HD2 KCX A 51 22.33 -1.66 -10.46
HE2 KCX A 51 20.48 -2.37 -9.27
N ILE A 52 27.89 -3.44 -12.20
CA ILE A 52 29.03 -2.87 -12.91
C ILE A 52 29.17 -3.55 -14.29
N PRO A 53 29.39 -4.87 -14.36
CA PRO A 53 29.50 -5.47 -15.70
C PRO A 53 28.22 -5.38 -16.53
N ASN A 54 27.07 -5.50 -15.88
CA ASN A 54 25.81 -5.36 -16.61
C ASN A 54 25.71 -3.99 -17.28
N SER A 55 26.08 -2.92 -16.56
CA SER A 55 26.07 -1.58 -17.15
C SER A 55 26.99 -1.50 -18.35
N LEU A 56 28.21 -2.04 -18.21
CA LEU A 56 29.19 -1.98 -19.29
C LEU A 56 28.66 -2.64 -20.53
N ILE A 57 28.05 -3.81 -20.36
CA ILE A 57 27.56 -4.59 -21.49
C ILE A 57 26.39 -3.86 -22.15
N ALA A 58 25.47 -3.36 -21.33
CA ALA A 58 24.32 -2.65 -21.87
C ALA A 58 24.75 -1.43 -22.68
N LEU A 59 25.72 -0.67 -22.19
CA LEU A 59 26.21 0.48 -22.94
C LEU A 59 26.90 0.06 -24.23
N ASP A 60 27.77 -0.95 -24.17
CA ASP A 60 28.57 -1.23 -25.34
C ASP A 60 27.72 -1.81 -26.46
N LEU A 61 26.63 -2.47 -26.13
CA LEU A 61 25.73 -3.00 -27.14
C LEU A 61 24.67 -2.02 -27.59
N GLY A 62 24.58 -0.86 -26.97
CA GLY A 62 23.53 0.07 -27.34
C GLY A 62 22.17 -0.19 -26.71
N VAL A 63 22.07 -1.13 -25.76
CA VAL A 63 20.84 -1.27 -24.98
C VAL A 63 20.57 -0.01 -24.19
N VAL A 64 21.61 0.59 -23.64
CA VAL A 64 21.55 1.90 -23.00
C VAL A 64 22.34 2.87 -23.86
N LYS A 65 21.68 3.95 -24.27
CA LYS A 65 22.30 4.94 -25.15
C LYS A 65 23.34 5.77 -24.41
N ASP A 66 22.99 6.26 -23.23
CA ASP A 66 23.91 7.09 -22.45
C ASP A 66 23.34 7.18 -21.03
N GLU A 67 24.06 7.92 -20.17
CA GLU A 67 23.70 7.99 -18.76
C GLU A 67 22.51 8.89 -18.48
N HIS A 68 21.96 9.51 -19.52
CA HIS A 68 20.79 10.37 -19.39
C HIS A 68 19.50 9.70 -19.82
N GLN A 69 19.58 8.60 -20.58
CA GLN A 69 18.39 7.89 -21.02
C GLN A 69 17.53 7.52 -19.82
N VAL A 70 16.23 7.78 -19.94
N VAL A 70 16.23 7.78 -19.93
CA VAL A 70 15.29 7.55 -18.86
CA VAL A 70 15.29 7.54 -18.84
C VAL A 70 14.65 6.18 -19.03
C VAL A 70 14.66 6.18 -19.03
N PHE A 71 14.71 5.37 -17.99
CA PHE A 71 14.05 4.08 -17.94
C PHE A 71 12.81 4.28 -17.09
N LYS A 72 11.66 4.27 -17.74
CA LYS A 72 10.42 4.64 -17.08
C LYS A 72 10.01 3.55 -16.10
N TRP A 73 9.52 3.97 -14.93
CA TRP A 73 8.95 3.02 -13.98
C TRP A 73 7.83 2.24 -14.68
N ASP A 74 7.81 0.92 -14.47
CA ASP A 74 6.76 0.10 -15.08
C ASP A 74 5.44 0.16 -14.34
N GLY A 75 5.31 0.99 -13.31
CA GLY A 75 4.03 1.16 -12.65
C GLY A 75 3.67 0.05 -11.70
N GLN A 76 4.57 -0.90 -11.46
CA GLN A 76 4.36 -1.95 -10.48
C GLN A 76 4.95 -1.53 -9.14
N THR A 77 4.10 -1.43 -8.14
CA THR A 77 4.57 -0.96 -6.83
C THR A 77 5.43 -2.02 -6.17
N ARG A 78 6.67 -1.66 -5.86
CA ARG A 78 7.60 -2.55 -5.18
C ARG A 78 7.87 -2.01 -3.77
N ASP A 79 8.50 -2.85 -2.93
CA ASP A 79 8.63 -2.48 -1.52
C ASP A 79 9.77 -1.50 -1.26
N ILE A 80 10.63 -1.23 -2.23
CA ILE A 80 11.68 -0.23 -2.09
C ILE A 80 11.19 1.06 -2.76
N ALA A 81 10.89 2.07 -1.95
CA ALA A 81 10.21 3.26 -2.46
C ALA A 81 10.98 3.91 -3.60
N THR A 82 12.31 3.98 -3.48
CA THR A 82 13.11 4.64 -4.51
C THR A 82 13.04 3.92 -5.84
N TRP A 83 12.57 2.67 -5.86
CA TRP A 83 12.41 1.95 -7.12
C TRP A 83 11.14 2.33 -7.87
N ASN A 84 10.18 2.96 -7.20
CA ASN A 84 8.89 3.30 -7.82
C ASN A 84 8.93 4.68 -8.44
N ARG A 85 9.88 4.85 -9.36
CA ARG A 85 10.11 6.12 -10.02
C ARG A 85 10.95 5.88 -11.26
N ASP A 86 11.02 6.91 -12.10
CA ASP A 86 11.86 6.85 -13.28
C ASP A 86 13.33 6.93 -12.86
N HIS A 87 14.20 6.30 -13.66
CA HIS A 87 15.63 6.31 -13.37
C HIS A 87 16.42 6.52 -14.66
N ASN A 88 17.65 7.00 -14.48
CA ASN A 88 18.68 6.88 -15.50
C ASN A 88 19.79 5.97 -14.95
N LEU A 89 20.87 5.81 -15.72
CA LEU A 89 21.94 4.90 -15.30
C LEU A 89 22.54 5.34 -13.97
N ILE A 90 22.67 6.64 -13.78
CA ILE A 90 23.29 7.16 -12.55
C ILE A 90 22.41 6.79 -11.35
N THR A 91 21.12 7.12 -11.41
CA THR A 91 20.26 6.88 -10.25
C THR A 91 19.96 5.40 -10.07
N ALA A 92 19.88 4.65 -11.17
CA ALA A 92 19.66 3.21 -11.07
C ALA A 92 20.82 2.52 -10.36
N MET A 93 22.05 2.93 -10.64
N MET A 93 22.05 2.91 -10.69
CA MET A 93 23.16 2.35 -9.88
CA MET A 93 23.21 2.44 -9.92
C MET A 93 23.16 2.86 -8.43
C MET A 93 23.11 2.87 -8.47
N LYS A 94 22.84 4.15 -8.22
CA LYS A 94 22.86 4.70 -6.86
C LYS A 94 21.88 3.96 -5.94
N TYR A 95 20.69 3.66 -6.44
CA TYR A 95 19.65 3.03 -5.62
C TYR A 95 19.51 1.52 -5.89
N SER A 96 20.49 0.93 -6.58
CA SER A 96 20.53 -0.51 -6.86
C SER A 96 19.17 -1.00 -7.36
N VAL A 97 18.68 -0.34 -8.41
CA VAL A 97 17.35 -0.61 -8.92
C VAL A 97 17.33 -1.90 -9.74
N VAL A 98 17.11 -3.02 -9.06
CA VAL A 98 17.11 -4.33 -9.72
C VAL A 98 16.20 -4.37 -10.95
N PRO A 99 14.95 -3.95 -10.92
CA PRO A 99 14.09 -4.19 -12.08
C PRO A 99 14.56 -3.50 -13.35
N VAL A 100 15.29 -2.37 -13.24
CA VAL A 100 15.86 -1.73 -14.43
C VAL A 100 16.93 -2.62 -15.04
N TYR A 101 17.81 -3.15 -14.21
CA TYR A 101 18.89 -4.00 -14.69
C TYR A 101 18.38 -5.36 -15.15
N GLN A 102 17.26 -5.82 -14.59
CA GLN A 102 16.65 -7.03 -15.10
C GLN A 102 16.23 -6.84 -16.55
N GLU A 103 15.67 -5.67 -16.88
CA GLU A 103 15.31 -5.41 -18.28
C GLU A 103 16.54 -5.28 -19.17
N PHE A 104 17.63 -4.65 -18.68
CA PHE A 104 18.89 -4.64 -19.43
C PHE A 104 19.26 -6.07 -19.81
N ALA A 105 19.25 -6.96 -18.83
CA ALA A 105 19.70 -8.34 -19.07
C ALA A 105 18.82 -9.05 -20.09
N ARG A 106 17.51 -8.85 -20.03
CA ARG A 106 16.63 -9.45 -21.05
C ARG A 106 17.01 -8.96 -22.45
N GLN A 107 17.30 -7.67 -22.58
CA GLN A 107 17.64 -7.12 -23.89
C GLN A 107 19.03 -7.57 -24.35
N ILE A 108 19.98 -7.68 -23.42
CA ILE A 108 21.31 -8.22 -23.76
C ILE A 108 21.17 -9.64 -24.25
N GLY A 109 20.47 -10.47 -23.49
CA GLY A 109 20.25 -11.85 -23.89
C GLY A 109 21.35 -12.78 -23.43
N GLU A 110 21.01 -14.07 -23.34
CA GLU A 110 21.91 -15.07 -22.78
C GLU A 110 23.23 -15.14 -23.55
N ALA A 111 23.16 -15.24 -24.88
CA ALA A 111 24.36 -15.48 -25.67
C ALA A 111 25.36 -14.36 -25.50
N ARG A 112 24.91 -13.11 -25.63
CA ARG A 112 25.81 -11.98 -25.56
C ARG A 112 26.30 -11.75 -24.13
N MET A 113 25.44 -11.98 -23.14
CA MET A 113 25.86 -11.84 -21.75
C MET A 113 26.99 -12.83 -21.43
N SER A 114 26.80 -14.09 -21.83
CA SER A 114 27.80 -15.11 -21.54
C SER A 114 29.14 -14.78 -22.18
N LYS A 115 29.12 -14.40 -23.46
CA LYS A 115 30.36 -14.08 -24.18
C LYS A 115 31.09 -12.91 -23.54
N MET A 116 30.34 -11.90 -23.10
CA MET A 116 30.97 -10.70 -22.56
C MET A 116 31.58 -10.97 -21.20
N LEU A 117 30.89 -11.73 -20.34
CA LEU A 117 31.49 -12.08 -19.05
C LEU A 117 32.75 -12.91 -19.26
N HIS A 118 32.75 -13.78 -20.27
CA HIS A 118 33.98 -14.51 -20.57
C HIS A 118 35.07 -13.55 -21.03
N ALA A 119 34.72 -12.56 -21.87
CA ALA A 119 35.71 -11.58 -22.32
C ALA A 119 36.26 -10.78 -21.16
N PHE A 120 35.43 -10.50 -20.14
CA PHE A 120 35.85 -9.78 -18.95
C PHE A 120 36.62 -10.66 -17.97
N ASP A 121 36.71 -11.98 -18.18
CA ASP A 121 37.28 -12.88 -17.18
C ASP A 121 36.57 -12.74 -15.82
N TYR A 122 35.25 -12.53 -15.86
CA TYR A 122 34.50 -12.12 -14.68
C TYR A 122 34.04 -13.33 -13.89
N GLY A 123 34.58 -13.47 -12.68
CA GLY A 123 34.15 -14.53 -11.77
C GLY A 123 34.25 -15.89 -12.43
N ASN A 124 33.27 -16.73 -12.16
CA ASN A 124 33.23 -18.05 -12.79
C ASN A 124 32.56 -18.00 -14.15
N GLU A 125 32.17 -16.80 -14.61
CA GLU A 125 31.69 -16.56 -15.98
C GLU A 125 30.45 -17.38 -16.34
N ASP A 126 29.70 -17.82 -15.34
CA ASP A 126 28.63 -18.80 -15.51
C ASP A 126 27.29 -18.10 -15.30
N ILE A 127 26.47 -18.03 -16.33
CA ILE A 127 25.18 -17.34 -16.22
C ILE A 127 24.02 -18.33 -16.03
N SER A 128 24.32 -19.58 -15.67
CA SER A 128 23.27 -20.58 -15.49
C SER A 128 22.18 -20.04 -14.56
N GLY A 129 20.93 -20.28 -14.92
CA GLY A 129 19.83 -19.69 -14.21
C GLY A 129 18.98 -18.86 -15.16
N ASN A 130 18.14 -17.98 -14.63
CA ASN A 130 17.33 -17.12 -15.45
C ASN A 130 18.12 -15.89 -15.87
N VAL A 131 18.02 -15.54 -17.16
CA VAL A 131 18.80 -14.41 -17.64
C VAL A 131 18.47 -13.12 -16.89
N ASP A 132 17.28 -13.01 -16.28
CA ASP A 132 16.94 -11.77 -15.58
C ASP A 132 17.14 -11.88 -14.09
N SER A 133 17.82 -12.93 -13.60
CA SER A 133 18.06 -13.01 -12.17
C SER A 133 19.29 -13.82 -11.76
N PHE A 134 20.14 -14.25 -12.71
CA PHE A 134 21.21 -15.18 -12.37
C PHE A 134 22.22 -14.60 -11.39
N TRP A 135 22.41 -13.27 -11.36
CA TRP A 135 23.34 -12.66 -10.41
C TRP A 135 22.76 -12.58 -9.01
N LEU A 136 21.49 -12.93 -8.83
CA LEU A 136 20.83 -12.99 -7.53
C LEU A 136 20.56 -14.41 -7.05
N ASP A 137 20.26 -15.35 -7.94
CA ASP A 137 19.96 -16.70 -7.48
C ASP A 137 20.33 -17.77 -8.50
N GLY A 138 21.27 -17.48 -9.40
CA GLY A 138 21.74 -18.41 -10.40
C GLY A 138 23.12 -18.93 -10.04
N GLY A 139 23.89 -19.31 -11.06
CA GLY A 139 25.12 -20.05 -10.84
C GLY A 139 26.39 -19.21 -10.80
N ILE A 140 26.27 -17.91 -11.08
CA ILE A 140 27.45 -17.06 -11.19
C ILE A 140 28.00 -16.79 -9.79
N ARG A 141 29.33 -16.78 -9.70
CA ARG A 141 30.02 -16.58 -8.44
C ARG A 141 31.29 -15.77 -8.69
N ILE A 142 31.67 -14.95 -7.72
CA ILE A 142 32.92 -14.20 -7.82
C ILE A 142 33.50 -13.99 -6.43
N SER A 143 34.82 -14.02 -6.32
CA SER A 143 35.51 -13.77 -5.05
C SER A 143 35.94 -12.32 -4.91
N ALA A 144 36.30 -11.93 -3.68
CA ALA A 144 36.81 -10.59 -3.45
C ALA A 144 38.08 -10.31 -4.29
N THR A 145 39.00 -11.28 -4.37
CA THR A 145 40.19 -11.07 -5.17
C THR A 145 39.85 -10.94 -6.66
N GLU A 146 38.86 -11.71 -7.13
CA GLU A 146 38.41 -11.61 -8.51
C GLU A 146 37.73 -10.27 -8.80
N GLN A 147 37.00 -9.71 -7.82
CA GLN A 147 36.43 -8.37 -7.99
C GLN A 147 37.55 -7.35 -8.23
N ILE A 148 38.64 -7.43 -7.46
CA ILE A 148 39.73 -6.48 -7.61
C ILE A 148 40.37 -6.61 -9.00
N SER A 149 40.57 -7.84 -9.47
N SER A 149 40.58 -7.84 -9.47
CA SER A 149 41.18 -8.02 -10.79
CA SER A 149 41.16 -8.03 -10.79
C SER A 149 40.31 -7.39 -11.87
C SER A 149 40.31 -7.37 -11.86
N PHE A 150 39.00 -7.55 -11.77
CA PHE A 150 38.08 -6.96 -12.74
C PHE A 150 38.07 -5.45 -12.63
N LEU A 151 38.02 -4.92 -11.41
CA LEU A 151 38.02 -3.48 -11.21
C LEU A 151 39.29 -2.83 -11.73
N ARG A 152 40.43 -3.50 -11.57
CA ARG A 152 41.69 -2.93 -12.06
C ARG A 152 41.65 -2.76 -13.57
N LYS A 153 41.10 -3.75 -14.28
CA LYS A 153 40.95 -3.61 -15.73
C LYS A 153 40.06 -2.41 -16.08
N LEU A 154 38.93 -2.27 -15.37
CA LEU A 154 38.02 -1.14 -15.63
C LEU A 154 38.73 0.19 -15.39
N TYR A 155 39.44 0.31 -14.27
CA TYR A 155 40.15 1.55 -13.98
C TYR A 155 41.07 1.95 -15.13
N HIS A 156 41.81 0.98 -15.67
CA HIS A 156 42.79 1.20 -16.73
C HIS A 156 42.19 1.14 -18.14
N ASN A 157 40.87 1.10 -18.27
CA ASN A 157 40.18 1.03 -19.57
C ASN A 157 40.64 -0.18 -20.38
N LYS A 158 40.94 -1.29 -19.72
CA LYS A 158 41.49 -2.45 -20.40
C LYS A 158 40.46 -3.53 -20.67
N LEU A 159 39.20 -3.32 -20.29
CA LEU A 159 38.18 -4.30 -20.61
C LEU A 159 37.82 -4.24 -22.09
N HIS A 160 37.29 -5.35 -22.60
CA HIS A 160 37.00 -5.46 -24.03
C HIS A 160 35.64 -4.85 -24.35
N VAL A 161 35.46 -3.59 -23.95
CA VAL A 161 34.40 -2.72 -24.42
C VAL A 161 35.04 -1.37 -24.71
N SER A 162 34.27 -0.45 -25.27
CA SER A 162 34.86 0.82 -25.66
C SER A 162 35.33 1.63 -24.44
N GLU A 163 36.27 2.55 -24.69
CA GLU A 163 36.67 3.48 -23.64
C GLU A 163 35.47 4.27 -23.14
N ARG A 164 34.60 4.70 -24.05
CA ARG A 164 33.40 5.44 -23.65
C ARG A 164 32.57 4.67 -22.65
N SER A 165 32.26 3.40 -22.96
CA SER A 165 31.46 2.59 -22.04
C SER A 165 32.09 2.55 -20.65
N GLN A 166 33.42 2.39 -20.59
CA GLN A 166 34.11 2.29 -19.30
C GLN A 166 34.08 3.63 -18.55
N ARG A 167 34.27 4.74 -19.27
CA ARG A 167 34.19 6.05 -18.63
C ARG A 167 32.80 6.30 -18.04
N ILE A 168 31.75 5.95 -18.78
CA ILE A 168 30.40 6.17 -18.27
C ILE A 168 30.15 5.34 -17.02
N VAL A 169 30.58 4.08 -17.01
CA VAL A 169 30.31 3.26 -15.83
C VAL A 169 31.10 3.77 -14.62
N LYS A 170 32.35 4.21 -14.82
CA LYS A 170 33.10 4.76 -13.70
C LYS A 170 32.47 6.05 -13.16
N GLN A 171 31.86 6.86 -14.03
CA GLN A 171 31.07 7.99 -13.57
C GLN A 171 29.89 7.53 -12.71
N ALA A 172 29.14 6.55 -13.21
CA ALA A 172 28.00 6.06 -12.45
C ALA A 172 28.42 5.40 -11.12
N MET A 173 29.66 4.93 -11.01
CA MET A 173 30.14 4.37 -9.75
C MET A 173 30.51 5.43 -8.72
N LEU A 174 30.51 6.71 -9.08
CA LEU A 174 30.94 7.74 -8.15
C LEU A 174 30.11 7.69 -6.89
N THR A 175 30.77 7.53 -5.74
CA THR A 175 30.09 7.38 -4.46
C THR A 175 30.41 8.51 -3.48
N GLU A 176 31.66 8.94 -3.42
CA GLU A 176 32.05 9.99 -2.49
C GLU A 176 33.23 10.76 -3.04
N ALA A 177 33.25 12.07 -2.80
CA ALA A 177 34.42 12.84 -3.21
C ALA A 177 34.58 14.05 -2.32
N ASN A 178 35.82 14.35 -1.98
CA ASN A 178 36.16 15.53 -1.20
C ASN A 178 37.58 15.94 -1.56
N GLY A 179 38.13 16.87 -0.78
CA GLY A 179 39.46 17.37 -1.08
C GLY A 179 40.58 16.37 -0.86
N ASP A 180 40.28 15.23 -0.23
CA ASP A 180 41.28 14.24 0.11
C ASP A 180 41.23 12.98 -0.75
N TYR A 181 40.05 12.60 -1.26
CA TYR A 181 39.97 11.34 -1.99
C TYR A 181 38.66 11.30 -2.77
N ILE A 182 38.62 10.37 -3.71
CA ILE A 182 37.43 10.00 -4.47
C ILE A 182 37.22 8.52 -4.31
N ILE A 183 35.99 8.10 -4.01
CA ILE A 183 35.62 6.69 -3.98
C ILE A 183 34.64 6.42 -5.11
N ARG A 184 34.99 5.46 -5.96
CA ARG A 184 34.07 4.87 -6.92
C ARG A 184 33.86 3.41 -6.54
N ALA A 185 32.60 3.00 -6.40
CA ALA A 185 32.28 1.71 -5.78
C ALA A 185 30.84 1.31 -6.07
N LYS A 186 30.51 0.07 -5.69
CA LYS A 186 29.16 -0.44 -5.77
C LYS A 186 28.91 -1.39 -4.62
N THR A 187 27.76 -1.23 -3.95
CA THR A 187 27.33 -2.14 -2.90
C THR A 187 26.61 -3.36 -3.48
N GLY A 188 26.56 -4.41 -2.68
CA GLY A 188 25.75 -5.57 -3.03
C GLY A 188 25.16 -6.19 -1.77
N TYR A 189 24.04 -6.88 -1.94
CA TYR A 189 23.34 -7.53 -0.83
C TYR A 189 22.72 -8.83 -1.36
N SER A 190 23.26 -9.96 -0.95
CA SER A 190 22.85 -11.26 -1.46
C SER A 190 22.06 -12.00 -0.37
N THR A 191 20.76 -12.26 -0.62
CA THR A 191 19.91 -12.95 0.34
C THR A 191 19.28 -14.26 -0.14
N ARG A 192 19.29 -14.56 -1.44
CA ARG A 192 18.53 -15.70 -1.95
C ARG A 192 19.26 -17.01 -1.82
N ILE A 193 20.58 -16.99 -1.70
CA ILE A 193 21.38 -18.20 -1.53
C ILE A 193 22.27 -18.00 -0.31
N GLU A 194 22.36 -19.05 0.52
CA GLU A 194 23.17 -18.96 1.72
C GLU A 194 24.65 -19.04 1.36
N PRO A 195 25.51 -18.36 2.13
CA PRO A 195 25.24 -17.48 3.27
C PRO A 195 24.86 -16.08 2.81
N LYS A 196 23.93 -15.45 3.52
CA LYS A 196 23.58 -14.07 3.20
C LYS A 196 24.77 -13.16 3.51
N ILE A 197 25.13 -12.32 2.56
CA ILE A 197 26.28 -11.43 2.73
C ILE A 197 25.98 -10.05 2.15
N GLY A 198 26.77 -9.08 2.60
CA GLY A 198 26.84 -7.78 1.96
C GLY A 198 28.21 -7.59 1.33
N TRP A 199 28.24 -6.82 0.25
CA TRP A 199 29.44 -6.50 -0.51
C TRP A 199 29.65 -5.00 -0.57
N TRP A 200 30.91 -4.59 -0.66
CA TRP A 200 31.27 -3.27 -1.18
C TRP A 200 32.58 -3.42 -1.93
N VAL A 201 32.59 -3.02 -3.21
CA VAL A 201 33.77 -3.14 -4.04
C VAL A 201 34.00 -1.83 -4.80
N GLY A 202 35.26 -1.50 -5.02
CA GLY A 202 35.58 -0.27 -5.74
C GLY A 202 37.02 0.13 -5.53
N TRP A 203 37.25 1.44 -5.55
CA TRP A 203 38.60 1.92 -5.28
C TRP A 203 38.56 3.34 -4.73
N VAL A 204 39.69 3.73 -4.14
N VAL A 204 39.71 3.75 -4.18
CA VAL A 204 39.89 5.09 -3.65
CA VAL A 204 39.95 5.07 -3.61
C VAL A 204 40.98 5.73 -4.51
C VAL A 204 41.02 5.75 -4.46
N GLU A 205 40.68 6.90 -5.05
CA GLU A 205 41.63 7.68 -5.82
C GLU A 205 42.27 8.72 -4.92
N LEU A 206 43.60 8.71 -4.86
CA LEU A 206 44.41 9.71 -4.19
C LEU A 206 45.18 10.51 -5.25
N ASP A 207 45.84 11.59 -4.80
CA ASP A 207 46.61 12.40 -5.74
C ASP A 207 47.63 11.57 -6.51
N ASP A 208 48.32 10.62 -5.86
CA ASP A 208 49.41 9.93 -6.53
C ASP A 208 49.36 8.40 -6.38
N ASN A 209 48.20 7.83 -6.06
CA ASN A 209 48.05 6.38 -5.99
C ASN A 209 46.56 6.07 -6.07
N VAL A 210 46.26 4.80 -6.30
N VAL A 210 46.26 4.80 -6.34
CA VAL A 210 44.90 4.29 -6.22
CA VAL A 210 44.91 4.26 -6.23
C VAL A 210 44.94 2.98 -5.43
C VAL A 210 44.98 3.00 -5.38
N TRP A 211 44.00 2.84 -4.49
CA TRP A 211 43.86 1.65 -3.67
C TRP A 211 42.54 1.00 -4.04
N PHE A 212 42.60 -0.22 -4.57
CA PHE A 212 41.40 -1.00 -4.84
C PHE A 212 40.99 -1.76 -3.59
N PHE A 213 39.67 -1.98 -3.46
CA PHE A 213 39.17 -2.71 -2.32
C PHE A 213 37.99 -3.58 -2.74
N ALA A 214 37.86 -4.71 -2.05
CA ALA A 214 36.67 -5.54 -2.16
C ALA A 214 36.44 -6.17 -0.79
N MET A 215 35.22 -6.05 -0.29
CA MET A 215 34.87 -6.60 1.00
C MET A 215 33.53 -7.32 0.90
N ASN A 216 33.39 -8.41 1.67
CA ASN A 216 32.06 -8.94 1.93
C ASN A 216 32.01 -9.34 3.40
N MET A 217 30.80 -9.41 3.92
CA MET A 217 30.58 -9.72 5.32
C MET A 217 29.25 -10.43 5.47
N ASP A 218 29.15 -11.22 6.54
CA ASP A 218 27.91 -11.88 6.85
C ASP A 218 26.84 -10.83 7.12
N MET A 219 25.63 -11.09 6.65
CA MET A 219 24.54 -10.12 6.70
C MET A 219 23.23 -10.86 6.98
N PRO A 220 23.07 -11.39 8.20
CA PRO A 220 21.85 -12.16 8.51
C PRO A 220 20.55 -11.37 8.39
N THR A 221 20.59 -10.06 8.67
CA THR A 221 19.44 -9.18 8.43
C THR A 221 19.91 -7.90 7.77
N SER A 222 18.95 -7.13 7.26
CA SER A 222 19.27 -5.86 6.64
C SER A 222 19.72 -4.81 7.66
N ASP A 223 19.58 -5.09 8.95
CA ASP A 223 19.95 -4.10 9.97
C ASP A 223 21.42 -3.73 9.91
N GLY A 224 22.27 -4.61 9.37
CA GLY A 224 23.70 -4.37 9.33
C GLY A 224 24.25 -3.80 8.05
N LEU A 225 23.41 -3.40 7.08
CA LEU A 225 23.91 -3.03 5.77
C LEU A 225 24.86 -1.83 5.82
N GLY A 226 24.63 -0.89 6.73
CA GLY A 226 25.51 0.27 6.83
C GLY A 226 26.92 -0.10 7.26
N LEU A 227 27.11 -1.29 7.83
CA LEU A 227 28.44 -1.71 8.24
C LEU A 227 29.36 -1.98 7.06
N ARG A 228 28.81 -2.26 5.87
CA ARG A 228 29.66 -2.50 4.71
C ARG A 228 30.59 -1.33 4.45
N GLN A 229 30.03 -0.13 4.33
CA GLN A 229 30.88 1.02 4.04
C GLN A 229 31.64 1.47 5.28
N ALA A 230 30.97 1.42 6.43
CA ALA A 230 31.58 1.93 7.66
C ALA A 230 32.82 1.14 8.04
N ILE A 231 32.75 -0.20 7.98
CA ILE A 231 33.92 -0.99 8.32
C ILE A 231 35.04 -0.76 7.31
N THR A 232 34.71 -0.77 6.03
CA THR A 232 35.73 -0.57 5.00
C THR A 232 36.46 0.74 5.23
N LYS A 233 35.73 1.81 5.50
CA LYS A 233 36.37 3.10 5.69
C LYS A 233 37.21 3.10 6.96
N GLU A 234 36.80 2.34 7.99
CA GLU A 234 37.60 2.23 9.21
C GLU A 234 38.93 1.58 8.90
N VAL A 235 38.90 0.54 8.05
CA VAL A 235 40.14 -0.11 7.66
C VAL A 235 41.01 0.85 6.87
N LEU A 236 40.40 1.60 5.94
CA LEU A 236 41.17 2.56 5.16
C LEU A 236 41.82 3.60 6.06
N LYS A 237 41.09 4.06 7.07
CA LYS A 237 41.66 5.06 7.98
C LYS A 237 42.79 4.47 8.81
N GLN A 238 42.58 3.26 9.35
CA GLN A 238 43.62 2.59 10.13
C GLN A 238 44.91 2.45 9.33
N GLU A 239 44.79 2.17 8.04
CA GLU A 239 45.94 1.95 7.16
C GLU A 239 46.46 3.25 6.54
N LYS A 240 45.95 4.40 6.98
CA LYS A 240 46.46 5.70 6.55
C LYS A 240 46.26 5.94 5.05
N ILE A 241 45.26 5.29 4.47
CA ILE A 241 44.90 5.53 3.08
C ILE A 241 44.02 6.77 2.97
N ILE A 242 43.09 6.94 3.91
CA ILE A 242 42.29 8.16 4.00
C ILE A 242 42.47 8.73 5.40
N PRO A 243 42.22 10.03 5.59
CA PRO A 243 42.33 10.65 6.91
C PRO A 243 41.27 10.17 7.91
N GLU B 2 -27.05 -16.11 -3.88
CA GLU B 2 -25.97 -17.05 -4.11
C GLU B 2 -24.72 -16.69 -3.32
N TRP B 3 -24.47 -15.39 -3.22
CA TRP B 3 -23.32 -14.87 -2.50
C TRP B 3 -23.80 -13.88 -1.46
N GLN B 4 -23.36 -14.06 -0.23
CA GLN B 4 -23.72 -13.17 0.87
C GLN B 4 -22.46 -12.55 1.45
N GLU B 5 -22.50 -11.25 1.68
CA GLU B 5 -21.41 -10.52 2.29
C GLU B 5 -21.78 -10.27 3.74
N ASN B 6 -20.90 -10.67 4.67
CA ASN B 6 -21.11 -10.46 6.09
C ASN B 6 -19.97 -9.59 6.58
N LYS B 7 -20.16 -8.27 6.58
CA LYS B 7 -19.05 -7.39 6.94
C LYS B 7 -18.65 -7.52 8.41
N SER B 8 -19.48 -8.16 9.24
CA SER B 8 -19.11 -8.35 10.63
C SER B 8 -17.90 -9.26 10.77
N TRP B 9 -17.67 -10.15 9.79
CA TRP B 9 -16.48 -10.98 9.84
C TRP B 9 -15.19 -10.18 9.70
N ASN B 10 -15.27 -8.93 9.26
CA ASN B 10 -14.07 -8.11 9.17
C ASN B 10 -13.38 -8.02 10.53
N ALA B 11 -14.15 -8.18 11.60
CA ALA B 11 -13.58 -8.14 12.94
C ALA B 11 -12.54 -9.23 13.15
N HIS B 12 -12.66 -10.36 12.43
CA HIS B 12 -11.65 -11.40 12.55
C HIS B 12 -10.28 -10.93 12.08
N PHE B 13 -10.25 -9.99 11.14
CA PHE B 13 -8.97 -9.45 10.68
C PHE B 13 -8.53 -8.26 11.52
N THR B 14 -9.45 -7.34 11.81
CA THR B 14 -9.06 -6.13 12.52
C THR B 14 -8.65 -6.44 13.96
N GLU B 15 -9.23 -7.49 14.57
CA GLU B 15 -8.82 -7.87 15.92
C GLU B 15 -7.36 -8.28 15.97
N HIS B 16 -6.79 -8.73 14.86
CA HIS B 16 -5.38 -9.07 14.76
C HIS B 16 -4.59 -7.99 14.03
N LYS B 17 -5.14 -6.77 13.97
CA LYS B 17 -4.51 -5.63 13.32
C LYS B 17 -4.09 -5.98 11.89
N SER B 18 -4.95 -6.72 11.21
CA SER B 18 -4.68 -7.13 9.82
C SER B 18 -5.84 -6.74 8.94
N GLN B 19 -5.71 -7.10 7.66
CA GLN B 19 -6.73 -6.92 6.65
C GLN B 19 -6.72 -8.15 5.77
N GLY B 20 -7.89 -8.58 5.33
CA GLY B 20 -7.94 -9.74 4.46
C GLY B 20 -9.33 -10.11 4.05
N VAL B 21 -9.44 -11.30 3.48
CA VAL B 21 -10.70 -11.84 3.03
C VAL B 21 -10.76 -13.33 3.35
N VAL B 22 -11.93 -13.77 3.81
CA VAL B 22 -12.27 -15.18 3.87
C VAL B 22 -13.48 -15.41 2.96
N VAL B 23 -13.41 -16.48 2.18
CA VAL B 23 -14.50 -16.92 1.31
C VAL B 23 -14.85 -18.35 1.71
N LEU B 24 -16.13 -18.59 1.96
CA LEU B 24 -16.65 -19.91 2.29
C LEU B 24 -17.70 -20.34 1.28
N TRP B 25 -17.73 -21.63 0.97
CA TRP B 25 -18.73 -22.19 0.06
C TRP B 25 -19.32 -23.44 0.68
N ASN B 26 -20.65 -23.42 0.89
CA ASN B 26 -21.43 -24.56 1.39
C ASN B 26 -21.83 -25.43 0.20
N GLU B 27 -21.21 -26.60 0.09
CA GLU B 27 -21.44 -27.40 -1.12
C GLU B 27 -22.87 -27.89 -1.20
N ASN B 28 -23.43 -28.36 -0.09
CA ASN B 28 -24.80 -28.90 -0.11
C ASN B 28 -25.79 -27.84 -0.57
N LYS B 29 -25.67 -26.63 -0.03
CA LYS B 29 -26.62 -25.55 -0.31
C LYS B 29 -26.22 -24.68 -1.50
N GLN B 30 -25.02 -24.88 -2.04
CA GLN B 30 -24.52 -24.08 -3.18
C GLN B 30 -24.64 -22.60 -2.91
N GLN B 31 -24.13 -22.18 -1.75
CA GLN B 31 -24.18 -20.79 -1.33
C GLN B 31 -22.81 -20.38 -0.84
N GLY B 32 -22.43 -19.15 -1.12
CA GLY B 32 -21.14 -18.60 -0.73
C GLY B 32 -21.27 -17.45 0.25
N PHE B 33 -20.18 -17.21 1.00
CA PHE B 33 -20.15 -16.21 2.06
C PHE B 33 -18.77 -15.60 2.11
N THR B 34 -18.70 -14.27 2.28
CA THR B 34 -17.42 -13.61 2.43
C THR B 34 -17.60 -12.32 3.21
N ASN B 35 -16.51 -11.84 3.81
CA ASN B 35 -16.53 -10.52 4.47
C ASN B 35 -16.33 -9.36 3.50
N ASN B 36 -15.83 -9.62 2.30
CA ASN B 36 -15.43 -8.52 1.41
C ASN B 36 -15.52 -9.01 -0.03
N LEU B 37 -16.65 -8.72 -0.68
CA LEU B 37 -16.85 -9.19 -2.05
C LEU B 37 -15.79 -8.64 -2.99
N LYS B 38 -15.36 -7.40 -2.78
CA LYS B 38 -14.32 -6.84 -3.65
C LYS B 38 -13.01 -7.62 -3.52
N ARG B 39 -12.52 -7.78 -2.30
CA ARG B 39 -11.22 -8.44 -2.14
C ARG B 39 -11.33 -9.92 -2.48
N ALA B 40 -12.51 -10.52 -2.29
CA ALA B 40 -12.73 -11.89 -2.70
C ALA B 40 -12.46 -12.09 -4.18
N ASN B 41 -12.61 -11.04 -4.99
CA ASN B 41 -12.45 -11.12 -6.44
C ASN B 41 -11.19 -10.43 -6.94
N GLN B 42 -10.32 -9.98 -6.06
CA GLN B 42 -9.04 -9.42 -6.43
C GLN B 42 -8.00 -10.53 -6.59
N ALA B 43 -7.16 -10.40 -7.62
CA ALA B 43 -6.22 -11.44 -8.00
C ALA B 43 -4.84 -11.19 -7.41
N PHE B 44 -4.28 -12.20 -6.76
CA PHE B 44 -2.96 -12.12 -6.16
C PHE B 44 -2.08 -13.22 -6.73
N LEU B 45 -0.76 -13.08 -6.54
CA LEU B 45 0.12 -14.20 -6.81
C LEU B 45 -0.34 -15.41 -6.00
N PRO B 46 -0.38 -16.59 -6.61
CA PRO B 46 -0.78 -17.78 -5.83
C PRO B 46 0.28 -18.26 -4.85
N ALA B 47 1.55 -17.95 -5.13
CA ALA B 47 2.69 -18.44 -4.35
C ALA B 47 2.56 -19.95 -4.16
N SER B 48 2.81 -20.46 -2.94
CA SER B 48 2.84 -21.90 -2.77
C SER B 48 1.46 -22.57 -2.86
N THR B 49 0.35 -21.82 -2.97
CA THR B 49 -0.88 -22.54 -3.30
C THR B 49 -0.81 -23.12 -4.71
N PHE B 50 0.11 -22.64 -5.52
CA PHE B 50 0.29 -23.17 -6.86
C PHE B 50 0.81 -24.61 -6.82
N KCX B 51 1.29 -25.07 -5.65
CA KCX B 51 1.76 -26.45 -5.56
CB KCX B 51 2.45 -26.68 -4.19
CG KCX B 51 3.84 -25.98 -4.12
CD KCX B 51 4.64 -26.32 -2.86
CE KCX B 51 6.05 -25.69 -2.89
NZ KCX B 51 5.93 -24.18 -2.91
C KCX B 51 0.60 -27.44 -5.81
O KCX B 51 0.85 -28.56 -6.21
CX KCX B 51 6.08 -23.41 -3.98
OQ1 KCX B 51 6.41 -23.91 -5.08
OQ2 KCX B 51 5.91 -22.16 -3.87
H KCX B 51 1.33 -24.62 -4.93
HA KCX B 51 2.44 -26.59 -6.25
HB2 KCX B 51 2.58 -27.63 -4.05
HG2 KCX B 51 3.73 -25.02 -4.15
HD2 KCX B 51 4.18 -25.96 -2.09
HE2 KCX B 51 6.49 -25.95 -3.72
N ILE B 52 -0.65 -27.02 -5.67
CA ILE B 52 -1.76 -27.93 -6.01
C ILE B 52 -1.78 -28.20 -7.54
N PRO B 53 -1.96 -27.18 -8.39
CA PRO B 53 -1.95 -27.46 -9.85
C PRO B 53 -0.61 -28.01 -10.35
N ASN B 54 0.51 -27.49 -9.82
CA ASN B 54 1.82 -27.99 -10.22
C ASN B 54 1.92 -29.49 -9.95
N SER B 55 1.49 -29.94 -8.76
CA SER B 55 1.50 -31.37 -8.44
C SER B 55 0.64 -32.17 -9.40
N LEU B 56 -0.58 -31.67 -9.69
CA LEU B 56 -1.47 -32.39 -10.59
C LEU B 56 -0.85 -32.57 -11.96
N ILE B 57 -0.23 -31.51 -12.47
CA ILE B 57 0.34 -31.56 -13.80
C ILE B 57 1.54 -32.50 -13.82
N ALA B 58 2.40 -32.40 -12.81
CA ALA B 58 3.60 -33.25 -12.75
C ALA B 58 3.22 -34.73 -12.70
N LEU B 59 2.22 -35.09 -11.90
CA LEU B 59 1.77 -36.48 -11.85
C LEU B 59 1.17 -36.92 -13.18
N ASP B 60 0.32 -36.08 -13.78
CA ASP B 60 -0.40 -36.54 -14.95
C ASP B 60 0.50 -36.68 -16.16
N LEU B 61 1.58 -35.93 -16.23
CA LEU B 61 2.55 -36.08 -17.30
C LEU B 61 3.63 -37.11 -16.99
N GLY B 62 3.65 -37.69 -15.79
CA GLY B 62 4.67 -38.65 -15.45
C GLY B 62 5.98 -38.05 -14.99
N VAL B 63 6.06 -36.74 -14.80
CA VAL B 63 7.25 -36.13 -14.20
C VAL B 63 7.45 -36.69 -12.79
N VAL B 64 6.34 -36.87 -12.05
CA VAL B 64 6.34 -37.53 -10.75
C VAL B 64 5.59 -38.86 -10.91
N LYS B 65 6.25 -39.96 -10.54
CA LYS B 65 5.65 -41.28 -10.72
C LYS B 65 4.53 -41.53 -9.73
N ASP B 66 4.77 -41.22 -8.46
CA ASP B 66 3.79 -41.45 -7.42
C ASP B 66 4.26 -40.66 -6.19
N GLU B 67 3.50 -40.79 -5.11
CA GLU B 67 3.74 -40.00 -3.91
C GLU B 67 4.91 -40.53 -3.08
N HIS B 68 5.55 -41.62 -3.51
CA HIS B 68 6.70 -42.20 -2.82
C HIS B 68 8.03 -41.84 -3.45
N GLN B 69 8.03 -41.42 -4.71
CA GLN B 69 9.25 -41.06 -5.41
C GLN B 69 10.04 -40.01 -4.63
N VAL B 70 11.34 -40.26 -4.47
N VAL B 70 11.33 -40.26 -4.48
CA VAL B 70 12.19 -39.41 -3.66
CA VAL B 70 12.21 -39.40 -3.68
C VAL B 70 12.90 -38.41 -4.57
C VAL B 70 12.89 -38.40 -4.60
N PHE B 71 12.73 -37.13 -4.26
CA PHE B 71 13.43 -36.05 -4.92
C PHE B 71 14.60 -35.69 -4.01
N LYS B 72 15.80 -36.03 -4.47
CA LYS B 72 16.99 -35.88 -3.64
C LYS B 72 17.34 -34.41 -3.48
N TRP B 73 17.74 -34.03 -2.27
CA TRP B 73 18.27 -32.69 -2.02
C TRP B 73 19.45 -32.43 -2.97
N ASP B 74 19.47 -31.23 -3.57
CA ASP B 74 20.59 -30.91 -4.44
C ASP B 74 21.84 -30.50 -3.69
N GLY B 75 21.83 -30.58 -2.37
CA GLY B 75 23.05 -30.35 -1.62
C GLY B 75 23.38 -28.88 -1.45
N GLN B 76 22.49 -27.99 -1.87
CA GLN B 76 22.67 -26.55 -1.67
C GLN B 76 21.97 -26.14 -0.39
N THR B 77 22.75 -25.66 0.57
CA THR B 77 22.18 -25.24 1.84
C THR B 77 21.32 -23.99 1.67
N ARG B 78 20.04 -24.10 2.04
CA ARG B 78 19.08 -23.01 2.01
C ARG B 78 18.68 -22.63 3.44
N ASP B 79 18.03 -21.47 3.59
CA ASP B 79 17.78 -20.96 4.94
C ASP B 79 16.59 -21.62 5.63
N ILE B 80 15.82 -22.45 4.93
CA ILE B 80 14.73 -23.21 5.54
C ILE B 80 15.25 -24.62 5.80
N ALA B 81 15.45 -24.97 7.08
CA ALA B 81 16.14 -26.22 7.41
C ALA B 81 15.44 -27.44 6.78
N THR B 82 14.10 -27.46 6.79
CA THR B 82 13.38 -28.61 6.26
C THR B 82 13.54 -28.78 4.76
N TRP B 83 14.06 -27.78 4.07
CA TRP B 83 14.33 -27.94 2.65
C TRP B 83 15.64 -28.66 2.35
N ASN B 84 16.54 -28.73 3.33
CA ASN B 84 17.86 -29.32 3.15
C ASN B 84 17.85 -30.82 3.43
N ARG B 85 16.95 -31.51 2.74
CA ARG B 85 16.74 -32.94 2.94
C ARG B 85 16.01 -33.51 1.73
N ASP B 86 15.98 -34.84 1.66
CA ASP B 86 15.22 -35.51 0.60
C ASP B 86 13.73 -35.35 0.86
N HIS B 87 12.93 -35.35 -0.21
CA HIS B 87 11.49 -35.22 -0.09
C HIS B 87 10.79 -36.16 -1.04
N ASN B 88 9.53 -36.48 -0.72
CA ASN B 88 8.57 -37.01 -1.66
C ASN B 88 7.44 -35.99 -1.81
N LEU B 89 6.42 -36.34 -2.58
CA LEU B 89 5.36 -35.38 -2.84
C LEU B 89 4.66 -34.97 -1.55
N ILE B 90 4.47 -35.93 -0.63
CA ILE B 90 3.77 -35.64 0.60
C ILE B 90 4.54 -34.62 1.43
N THR B 91 5.83 -34.88 1.67
CA THR B 91 6.60 -33.98 2.52
C THR B 91 6.93 -32.68 1.79
N ALA B 92 7.10 -32.73 0.46
CA ALA B 92 7.37 -31.51 -0.27
C ALA B 92 6.17 -30.56 -0.18
N MET B 93 4.95 -31.09 -0.18
N MET B 93 4.96 -31.10 -0.22
CA MET B 93 3.82 -30.19 0.00
CA MET B 93 3.77 -30.28 0.01
C MET B 93 3.69 -29.75 1.46
C MET B 93 3.74 -29.76 1.44
N LYS B 94 3.96 -30.65 2.40
CA LYS B 94 3.84 -30.30 3.82
C LYS B 94 4.76 -29.15 4.21
N TYR B 95 5.99 -29.16 3.70
CA TYR B 95 6.99 -28.16 4.05
C TYR B 95 7.16 -27.10 2.96
N SER B 96 6.28 -27.10 1.97
N SER B 96 6.27 -27.08 1.98
CA SER B 96 6.26 -26.11 0.91
CA SER B 96 6.27 -26.06 0.93
C SER B 96 7.66 -25.93 0.31
C SER B 96 7.66 -25.91 0.31
N VAL B 97 8.21 -27.03 -0.15
CA VAL B 97 9.59 -27.07 -0.62
C VAL B 97 9.71 -26.52 -2.04
N VAL B 98 9.90 -25.20 -2.13
CA VAL B 98 9.98 -24.54 -3.44
C VAL B 98 10.97 -25.21 -4.39
N PRO B 99 12.21 -25.50 -4.00
CA PRO B 99 13.17 -25.98 -5.02
C PRO B 99 12.77 -27.30 -5.66
N VAL B 100 12.02 -28.15 -4.96
CA VAL B 100 11.52 -29.37 -5.58
C VAL B 100 10.51 -29.03 -6.68
N TYR B 101 9.59 -28.12 -6.37
CA TYR B 101 8.56 -27.73 -7.32
C TYR B 101 9.13 -26.90 -8.46
N GLN B 102 10.23 -26.19 -8.22
CA GLN B 102 10.90 -25.51 -9.33
C GLN B 102 11.43 -26.52 -10.35
N GLU B 103 11.98 -27.63 -9.89
CA GLU B 103 12.43 -28.66 -10.82
C GLU B 103 11.24 -29.32 -11.53
N PHE B 104 10.12 -29.55 -10.83
CA PHE B 104 8.91 -30.04 -11.50
C PHE B 104 8.58 -29.16 -12.69
N ALA B 105 8.57 -27.85 -12.45
CA ALA B 105 8.14 -26.91 -13.48
C ALA B 105 9.10 -26.93 -14.68
N ARG B 106 10.41 -27.02 -14.42
CA ARG B 106 11.38 -27.11 -15.51
C ARG B 106 11.14 -28.36 -16.36
N GLN B 107 10.82 -29.49 -15.73
CA GLN B 107 10.58 -30.72 -16.48
C GLN B 107 9.25 -30.67 -17.22
N ILE B 108 8.22 -30.05 -16.63
CA ILE B 108 6.95 -29.86 -17.32
C ILE B 108 7.14 -29.00 -18.56
N GLY B 109 7.79 -27.87 -18.39
CA GLY B 109 8.09 -26.96 -19.48
C GLY B 109 6.97 -25.97 -19.75
N GLU B 110 7.36 -24.87 -20.42
CA GLU B 110 6.44 -23.73 -20.62
C GLU B 110 5.18 -24.15 -21.37
N ALA B 111 5.34 -24.86 -22.48
CA ALA B 111 4.19 -25.16 -23.34
C ALA B 111 3.15 -26.01 -22.60
N ARG B 112 3.59 -27.08 -21.94
CA ARG B 112 2.65 -27.96 -21.25
C ARG B 112 2.07 -27.29 -20.00
N MET B 113 2.88 -26.52 -19.29
CA MET B 113 2.37 -25.82 -18.11
C MET B 113 1.26 -24.84 -18.53
N SER B 114 1.51 -24.06 -19.57
CA SER B 114 0.54 -23.07 -20.03
C SER B 114 -0.75 -23.75 -20.49
N LYS B 115 -0.62 -24.81 -21.28
CA LYS B 115 -1.81 -25.49 -21.77
C LYS B 115 -2.65 -26.01 -20.61
N MET B 116 -1.99 -26.56 -19.58
CA MET B 116 -2.73 -27.18 -18.49
C MET B 116 -3.40 -26.15 -17.59
N LEU B 117 -2.79 -24.98 -17.41
CA LEU B 117 -3.48 -23.95 -16.64
C LEU B 117 -4.69 -23.44 -17.42
N HIS B 118 -4.59 -23.39 -18.75
CA HIS B 118 -5.77 -23.06 -19.55
C HIS B 118 -6.83 -24.15 -19.40
N ALA B 119 -6.43 -25.43 -19.43
CA ALA B 119 -7.40 -26.51 -19.30
C ALA B 119 -8.08 -26.53 -17.93
N PHE B 120 -7.36 -26.14 -16.88
CA PHE B 120 -7.87 -26.03 -15.52
C PHE B 120 -8.68 -24.75 -15.28
N ASP B 121 -8.71 -23.81 -16.23
N ASP B 121 -8.73 -23.82 -16.24
CA ASP B 121 -9.34 -22.51 -16.00
CA ASP B 121 -9.32 -22.51 -16.01
C ASP B 121 -8.77 -21.85 -14.76
C ASP B 121 -8.77 -21.85 -14.76
N TYR B 122 -7.46 -21.99 -14.56
CA TYR B 122 -6.81 -21.60 -13.31
C TYR B 122 -6.44 -20.12 -13.33
N GLY B 123 -7.13 -19.33 -12.50
CA GLY B 123 -6.78 -17.92 -12.35
C GLY B 123 -6.77 -17.21 -13.69
N ASN B 124 -5.78 -16.34 -13.88
CA ASN B 124 -5.68 -15.62 -15.16
C ASN B 124 -4.95 -16.43 -16.23
N GLU B 125 -4.57 -17.68 -15.93
CA GLU B 125 -4.03 -18.64 -16.89
C GLU B 125 -2.74 -18.14 -17.56
N ASP B 126 -2.01 -17.25 -16.92
CA ASP B 126 -0.89 -16.55 -17.54
C ASP B 126 0.41 -16.95 -16.84
N ILE B 127 1.30 -17.64 -17.55
CA ILE B 127 2.53 -18.10 -16.93
C ILE B 127 3.71 -17.18 -17.26
N SER B 128 3.44 -15.97 -17.76
CA SER B 128 4.53 -15.07 -18.15
C SER B 128 5.53 -14.93 -17.01
N GLY B 129 6.81 -14.91 -17.37
CA GLY B 129 7.87 -14.94 -16.39
C GLY B 129 8.78 -16.15 -16.58
N ASN B 130 9.59 -16.45 -15.57
CA ASN B 130 10.48 -17.61 -15.64
C ASN B 130 9.70 -18.86 -15.30
N VAL B 131 9.89 -19.92 -16.09
CA VAL B 131 9.11 -21.14 -15.86
C VAL B 131 9.36 -21.72 -14.47
N ASP B 132 10.50 -21.43 -13.84
CA ASP B 132 10.77 -22.01 -12.53
C ASP B 132 10.45 -21.04 -11.40
N SER B 133 9.75 -19.92 -11.68
CA SER B 133 9.40 -19.00 -10.60
C SER B 133 8.15 -18.15 -10.86
N PHE B 134 7.38 -18.42 -11.91
CA PHE B 134 6.31 -17.49 -12.29
C PHE B 134 5.22 -17.38 -11.23
N TRP B 135 5.00 -18.43 -10.41
CA TRP B 135 4.00 -18.38 -9.34
C TRP B 135 4.48 -17.60 -8.13
N LEU B 136 5.73 -17.19 -8.12
CA LEU B 136 6.31 -16.34 -7.08
C LEU B 136 6.55 -14.90 -7.53
N ASP B 137 6.91 -14.69 -8.80
CA ASP B 137 7.18 -13.32 -9.22
C ASP B 137 6.88 -13.08 -10.71
N GLY B 138 6.03 -13.89 -11.32
CA GLY B 138 5.64 -13.76 -12.71
C GLY B 138 4.26 -13.15 -12.83
N GLY B 139 3.57 -13.51 -13.92
CA GLY B 139 2.34 -12.82 -14.25
C GLY B 139 1.06 -13.51 -13.78
N ILE B 140 1.18 -14.71 -13.23
CA ILE B 140 0.01 -15.49 -12.87
C ILE B 140 -0.66 -14.86 -11.66
N ARG B 141 -1.98 -14.85 -11.67
CA ARG B 141 -2.76 -14.27 -10.59
C ARG B 141 -4.02 -15.09 -10.42
N ILE B 142 -4.52 -15.14 -9.19
CA ILE B 142 -5.76 -15.86 -8.90
C ILE B 142 -6.44 -15.18 -7.72
N SER B 143 -7.77 -15.15 -7.75
CA SER B 143 -8.57 -14.62 -6.64
C SER B 143 -9.02 -15.74 -5.72
N ALA B 144 -9.49 -15.34 -4.53
CA ALA B 144 -10.03 -16.29 -3.58
C ALA B 144 -11.24 -17.03 -4.15
N THR B 145 -12.14 -16.33 -4.86
CA THR B 145 -13.28 -17.00 -5.47
C THR B 145 -12.83 -17.98 -6.54
N GLU B 146 -11.80 -17.61 -7.32
CA GLU B 146 -11.24 -18.52 -8.30
C GLU B 146 -10.56 -19.73 -7.66
N GLN B 147 -9.94 -19.58 -6.49
CA GLN B 147 -9.40 -20.75 -5.78
C GLN B 147 -10.51 -21.73 -5.43
N ILE B 148 -11.66 -21.22 -4.95
CA ILE B 148 -12.76 -22.11 -4.61
C ILE B 148 -13.28 -22.85 -5.85
N SER B 149 -13.40 -22.15 -6.97
N SER B 149 -13.42 -22.13 -6.98
CA SER B 149 -13.91 -22.80 -8.18
CA SER B 149 -13.88 -22.77 -8.21
C SER B 149 -12.97 -23.93 -8.61
C SER B 149 -12.98 -23.94 -8.58
N PHE B 150 -11.66 -23.73 -8.48
CA PHE B 150 -10.69 -24.74 -8.87
C PHE B 150 -10.73 -25.92 -7.91
N LEU B 151 -10.74 -25.63 -6.61
CA LEU B 151 -10.79 -26.68 -5.59
C LEU B 151 -12.06 -27.52 -5.70
N ARG B 152 -13.19 -26.90 -6.04
CA ARG B 152 -14.42 -27.67 -6.19
C ARG B 152 -14.28 -28.70 -7.31
N LYS B 153 -13.67 -28.31 -8.43
CA LYS B 153 -13.42 -29.29 -9.49
C LYS B 153 -12.54 -30.43 -9.00
N LEU B 154 -11.44 -30.09 -8.30
CA LEU B 154 -10.54 -31.11 -7.78
C LEU B 154 -11.29 -32.08 -6.85
N TYR B 155 -12.07 -31.54 -5.92
CA TYR B 155 -12.83 -32.39 -5.01
C TYR B 155 -13.67 -33.41 -5.76
N HIS B 156 -14.30 -32.97 -6.85
CA HIS B 156 -15.21 -33.81 -7.62
C HIS B 156 -14.53 -34.59 -8.74
N ASN B 157 -13.19 -34.58 -8.80
CA ASN B 157 -12.42 -35.26 -9.84
C ASN B 157 -12.82 -34.77 -11.24
N LYS B 158 -13.15 -33.49 -11.37
CA LYS B 158 -13.62 -32.93 -12.63
C LYS B 158 -12.54 -32.17 -13.39
N LEU B 159 -11.33 -32.04 -12.86
CA LEU B 159 -10.26 -31.42 -13.63
C LEU B 159 -9.79 -32.35 -14.75
N HIS B 160 -9.20 -31.75 -15.78
CA HIS B 160 -8.81 -32.49 -16.98
C HIS B 160 -7.45 -33.16 -16.82
N VAL B 161 -7.33 -33.94 -15.75
CA VAL B 161 -6.26 -34.90 -15.54
C VAL B 161 -6.92 -36.19 -15.05
N SER B 162 -6.13 -37.23 -14.88
CA SER B 162 -6.73 -38.50 -14.49
C SER B 162 -7.31 -38.42 -13.07
N GLU B 163 -8.25 -39.31 -12.80
CA GLU B 163 -8.76 -39.46 -11.45
C GLU B 163 -7.63 -39.79 -10.47
N ARG B 164 -6.70 -40.66 -10.87
CA ARG B 164 -5.56 -41.01 -10.01
C ARG B 164 -4.75 -39.78 -9.62
N SER B 165 -4.39 -38.93 -10.58
CA SER B 165 -3.62 -37.74 -10.25
C SER B 165 -4.36 -36.88 -9.22
N GLN B 166 -5.68 -36.74 -9.38
CA GLN B 166 -6.44 -35.92 -8.43
C GLN B 166 -6.50 -36.55 -7.05
N ARG B 167 -6.69 -37.89 -6.99
CA ARG B 167 -6.69 -38.57 -5.70
C ARG B 167 -5.37 -38.41 -4.95
N ILE B 168 -4.24 -38.55 -5.66
CA ILE B 168 -2.94 -38.41 -5.03
C ILE B 168 -2.72 -37.00 -4.50
N VAL B 169 -3.09 -35.98 -5.27
CA VAL B 169 -2.91 -34.62 -4.79
C VAL B 169 -3.79 -34.33 -3.57
N LYS B 170 -5.02 -34.85 -3.56
CA LYS B 170 -5.87 -34.65 -2.39
C LYS B 170 -5.29 -35.35 -1.16
N GLN B 171 -4.64 -36.50 -1.35
CA GLN B 171 -3.90 -37.12 -0.25
C GLN B 171 -2.79 -36.20 0.23
N ALA B 172 -2.02 -35.65 -0.70
CA ALA B 172 -0.93 -34.76 -0.32
C ALA B 172 -1.43 -33.46 0.33
N MET B 173 -2.67 -33.07 0.07
CA MET B 173 -3.24 -31.89 0.73
C MET B 173 -3.69 -32.15 2.17
N LEU B 174 -3.67 -33.39 2.63
CA LEU B 174 -4.17 -33.66 3.98
C LEU B 174 -3.41 -32.85 5.03
N THR B 175 -4.15 -32.08 5.82
CA THR B 175 -3.56 -31.19 6.81
C THR B 175 -3.96 -31.54 8.24
N GLU B 176 -5.24 -31.87 8.48
CA GLU B 176 -5.73 -32.18 9.81
C GLU B 176 -6.87 -33.17 9.70
N ALA B 177 -6.93 -34.10 10.65
CA ALA B 177 -8.05 -35.02 10.73
C ALA B 177 -8.28 -35.44 12.16
N ASN B 178 -9.57 -35.48 12.54
CA ASN B 178 -9.97 -35.96 13.84
C ASN B 178 -11.37 -36.53 13.72
N GLY B 179 -11.98 -36.83 14.87
CA GLY B 179 -13.30 -37.42 14.85
C GLY B 179 -14.39 -36.49 14.38
N ASP B 180 -14.09 -35.19 14.24
CA ASP B 180 -15.08 -34.20 13.88
C ASP B 180 -14.97 -33.69 12.45
N TYR B 181 -13.77 -33.67 11.86
CA TYR B 181 -13.64 -33.10 10.52
C TYR B 181 -12.29 -33.51 9.94
N ILE B 182 -12.18 -33.32 8.62
CA ILE B 182 -10.93 -33.47 7.88
C ILE B 182 -10.70 -32.17 7.13
N ILE B 183 -9.47 -31.64 7.20
CA ILE B 183 -9.09 -30.49 6.40
C ILE B 183 -8.03 -30.91 5.40
N ARG B 184 -8.31 -30.67 4.12
CA ARG B 184 -7.34 -30.75 3.03
C ARG B 184 -7.12 -29.34 2.51
N ALA B 185 -5.85 -28.91 2.45
CA ALA B 185 -5.58 -27.49 2.20
C ALA B 185 -4.13 -27.29 1.83
N LYS B 186 -3.82 -26.05 1.41
CA LYS B 186 -2.45 -25.64 1.13
C LYS B 186 -2.26 -24.17 1.53
N THR B 187 -1.19 -23.88 2.26
CA THR B 187 -0.82 -22.52 2.58
C THR B 187 -0.03 -21.87 1.44
N GLY B 188 0.00 -20.55 1.47
CA GLY B 188 0.84 -19.79 0.57
C GLY B 188 1.37 -18.57 1.28
N TYR B 189 2.54 -18.10 0.82
CA TYR B 189 3.20 -16.91 1.36
C TYR B 189 3.90 -16.19 0.21
N SER B 190 3.36 -15.04 -0.18
CA SER B 190 3.84 -14.26 -1.33
C SER B 190 4.56 -13.02 -0.84
N THR B 191 5.87 -12.93 -1.11
CA THR B 191 6.66 -11.78 -0.68
C THR B 191 7.34 -11.01 -1.82
N ARG B 192 7.39 -11.56 -3.03
CA ARG B 192 8.22 -10.94 -4.06
C ARG B 192 7.54 -9.79 -4.76
N ILE B 193 6.22 -9.73 -4.77
CA ILE B 193 5.47 -8.66 -5.40
C ILE B 193 4.49 -8.11 -4.38
N GLU B 194 4.37 -6.79 -4.32
CA GLU B 194 3.47 -6.18 -3.37
C GLU B 194 2.02 -6.32 -3.83
N PRO B 195 1.07 -6.42 -2.88
CA PRO B 195 1.25 -6.45 -1.44
C PRO B 195 1.61 -7.85 -0.97
N LYS B 196 2.51 -7.95 0.01
CA LYS B 196 2.85 -9.25 0.56
C LYS B 196 1.60 -9.81 1.26
N ILE B 197 1.30 -11.08 1.00
CA ILE B 197 0.12 -11.72 1.58
C ILE B 197 0.43 -13.16 1.97
N GLY B 198 -0.42 -13.69 2.85
CA GLY B 198 -0.51 -15.12 3.09
C GLY B 198 -1.85 -15.64 2.58
N TRP B 199 -1.84 -16.92 2.19
CA TRP B 199 -3.02 -17.65 1.72
C TRP B 199 -3.26 -18.88 2.58
N TRP B 200 -4.53 -19.29 2.65
CA TRP B 200 -4.87 -20.66 3.01
C TRP B 200 -6.11 -21.03 2.23
N VAL B 201 -6.02 -22.11 1.45
CA VAL B 201 -7.12 -22.54 0.59
C VAL B 201 -7.32 -24.04 0.76
N GLY B 202 -8.57 -24.47 0.68
CA GLY B 202 -8.83 -25.91 0.82
C GLY B 202 -10.29 -26.15 1.14
N TRP B 203 -10.53 -27.22 1.90
CA TRP B 203 -11.90 -27.50 2.32
C TRP B 203 -11.91 -28.31 3.61
N VAL B 204 -13.06 -28.31 4.26
N VAL B 204 -13.08 -28.30 4.25
CA VAL B 204 -13.28 -29.09 5.48
CA VAL B 204 -13.38 -29.04 5.47
C VAL B 204 -14.40 -30.09 5.21
C VAL B 204 -14.43 -30.09 5.13
N GLU B 205 -14.06 -31.36 5.32
CA GLU B 205 -14.99 -32.47 5.14
C GLU B 205 -15.70 -32.79 6.45
N LEU B 206 -17.03 -32.79 6.42
CA LEU B 206 -17.89 -33.22 7.52
C LEU B 206 -18.58 -34.53 7.12
N ASP B 207 -19.28 -35.15 8.07
CA ASP B 207 -19.98 -36.39 7.76
C ASP B 207 -20.93 -36.25 6.57
N ASP B 208 -21.66 -35.12 6.48
CA ASP B 208 -22.68 -35.00 5.44
C ASP B 208 -22.63 -33.67 4.68
N ASN B 209 -21.49 -32.98 4.68
CA ASN B 209 -21.32 -31.77 3.88
C ASN B 209 -19.83 -31.51 3.72
N VAL B 210 -19.51 -30.61 2.80
N VAL B 210 -19.51 -30.60 2.79
CA VAL B 210 -18.15 -30.12 2.61
CA VAL B 210 -18.16 -30.11 2.57
C VAL B 210 -18.21 -28.61 2.48
C VAL B 210 -18.25 -28.59 2.51
N TRP B 211 -17.33 -27.92 3.20
CA TRP B 211 -17.20 -26.47 3.16
C TRP B 211 -15.85 -26.13 2.55
N PHE B 212 -15.87 -25.48 1.38
CA PHE B 212 -14.65 -24.98 0.77
C PHE B 212 -14.30 -23.62 1.34
N PHE B 213 -13.00 -23.32 1.41
CA PHE B 213 -12.59 -22.04 1.92
C PHE B 213 -11.37 -21.55 1.16
N ALA B 214 -11.27 -20.23 1.06
CA ALA B 214 -10.06 -19.60 0.54
C ALA B 214 -9.92 -18.26 1.26
N MET B 215 -8.74 -18.03 1.81
CA MET B 215 -8.49 -16.78 2.52
C MET B 215 -7.15 -16.22 2.08
N ASN B 216 -7.06 -14.89 2.04
CA ASN B 216 -5.75 -14.25 1.99
C ASN B 216 -5.77 -13.05 2.91
N MET B 217 -4.58 -12.67 3.35
CA MET B 217 -4.45 -11.57 4.29
C MET B 217 -3.12 -10.88 4.07
N ASP B 218 -3.07 -9.60 4.46
CA ASP B 218 -1.81 -8.87 4.41
C ASP B 218 -0.81 -9.52 5.34
N MET B 219 0.44 -9.57 4.90
CA MET B 219 1.50 -10.28 5.62
C MET B 219 2.78 -9.45 5.54
N PRO B 220 2.83 -8.31 6.22
CA PRO B 220 4.02 -7.44 6.12
C PRO B 220 5.30 -8.09 6.63
N THR B 221 5.23 -8.97 7.62
CA THR B 221 6.36 -9.75 8.06
C THR B 221 5.93 -11.19 8.23
N SER B 222 6.91 -12.06 8.38
CA SER B 222 6.64 -13.47 8.58
C SER B 222 6.07 -13.76 9.96
N ASP B 223 6.07 -12.78 10.87
CA ASP B 223 5.59 -13.00 12.23
C ASP B 223 4.11 -13.40 12.28
N GLY B 224 3.32 -13.02 11.28
CA GLY B 224 1.90 -13.26 11.26
C GLY B 224 1.43 -14.51 10.54
N LEU B 225 2.35 -15.41 10.15
CA LEU B 225 1.96 -16.50 9.28
C LEU B 225 0.94 -17.43 9.95
N GLY B 226 1.03 -17.62 11.26
CA GLY B 226 0.08 -18.49 11.93
C GLY B 226 -1.35 -17.97 11.91
N LEU B 227 -1.54 -16.69 11.62
CA LEU B 227 -2.90 -16.15 11.53
C LEU B 227 -3.66 -16.68 10.33
N ARG B 228 -2.96 -17.17 9.30
CA ARG B 228 -3.67 -17.73 8.15
C ARG B 228 -4.66 -18.80 8.60
N GLN B 229 -4.18 -19.76 9.37
CA GLN B 229 -5.04 -20.84 9.85
C GLN B 229 -5.88 -20.38 11.03
N ALA B 230 -5.30 -19.57 11.91
CA ALA B 230 -6.01 -19.19 13.13
C ALA B 230 -7.27 -18.40 12.81
N ILE B 231 -7.16 -17.43 11.89
CA ILE B 231 -8.32 -16.63 11.51
C ILE B 231 -9.36 -17.47 10.79
N THR B 232 -8.92 -18.34 9.87
CA THR B 232 -9.86 -19.21 9.18
C THR B 232 -10.65 -20.07 10.18
N LYS B 233 -9.96 -20.65 11.15
CA LYS B 233 -10.65 -21.52 12.12
C LYS B 233 -11.58 -20.74 13.04
N GLU B 234 -11.24 -19.50 13.39
CA GLU B 234 -12.18 -18.69 14.17
C GLU B 234 -13.46 -18.46 13.39
N VAL B 235 -13.35 -18.25 12.08
CA VAL B 235 -14.54 -18.07 11.26
C VAL B 235 -15.34 -19.37 11.22
N LEU B 236 -14.65 -20.49 10.99
CA LEU B 236 -15.33 -21.77 10.95
C LEU B 236 -16.02 -22.08 12.28
N LYS B 237 -15.36 -21.75 13.39
CA LYS B 237 -15.97 -22.01 14.70
C LYS B 237 -17.18 -21.11 14.93
N GLN B 238 -17.03 -19.82 14.61
CA GLN B 238 -18.14 -18.88 14.74
C GLN B 238 -19.36 -19.34 13.95
N GLU B 239 -19.14 -19.91 12.77
CA GLU B 239 -20.22 -20.33 11.91
C GLU B 239 -20.67 -21.75 12.19
N LYS B 240 -20.20 -22.36 13.28
CA LYS B 240 -20.65 -23.68 13.71
C LYS B 240 -20.29 -24.76 12.71
N ILE B 241 -19.29 -24.53 11.87
CA ILE B 241 -18.84 -25.54 10.93
C ILE B 241 -17.94 -26.54 11.64
N ILE B 242 -17.08 -26.08 12.55
CA ILE B 242 -16.29 -26.98 13.38
C ILE B 242 -16.55 -26.61 14.84
N PRO B 243 -16.31 -27.55 15.78
CA PRO B 243 -16.50 -27.25 17.20
C PRO B 243 -15.56 -26.18 17.73
N GLU C 2 -25.63 -14.74 -9.62
CA GLU C 2 -25.32 -13.32 -9.54
C GLU C 2 -24.52 -12.84 -10.75
N TRP C 3 -23.64 -13.70 -11.27
CA TRP C 3 -22.88 -13.38 -12.46
C TRP C 3 -23.06 -14.47 -13.49
N GLN C 4 -23.44 -14.09 -14.70
CA GLN C 4 -23.63 -15.01 -15.83
C GLN C 4 -22.70 -14.61 -16.97
N GLU C 5 -22.11 -15.60 -17.62
CA GLU C 5 -21.22 -15.36 -18.75
C GLU C 5 -21.98 -15.62 -20.04
N ASN C 6 -21.94 -14.67 -20.97
CA ASN C 6 -22.61 -14.78 -22.28
C ASN C 6 -21.55 -14.63 -23.36
N LYS C 7 -21.00 -15.76 -23.79
CA LYS C 7 -19.92 -15.74 -24.77
C LYS C 7 -20.37 -15.32 -26.15
N SER C 8 -21.67 -15.25 -26.42
CA SER C 8 -22.11 -14.80 -27.75
C SER C 8 -21.72 -13.36 -28.00
N TRP C 9 -21.51 -12.57 -26.96
CA TRP C 9 -21.05 -11.20 -27.13
C TRP C 9 -19.64 -11.13 -27.70
N ASN C 10 -18.87 -12.22 -27.59
CA ASN C 10 -17.52 -12.22 -28.15
C ASN C 10 -17.53 -11.93 -29.65
N ALA C 11 -18.62 -12.26 -30.34
CA ALA C 11 -18.69 -11.99 -31.77
C ALA C 11 -18.59 -10.49 -32.05
N HIS C 12 -19.11 -9.66 -31.15
CA HIS C 12 -19.03 -8.22 -31.37
C HIS C 12 -17.59 -7.73 -31.34
N PHE C 13 -16.72 -8.42 -30.61
CA PHE C 13 -15.30 -8.05 -30.61
C PHE C 13 -14.60 -8.64 -31.82
N THR C 14 -14.84 -9.93 -32.13
CA THR C 14 -14.11 -10.54 -33.23
C THR C 14 -14.52 -9.94 -34.57
N GLU C 15 -15.78 -9.50 -34.71
CA GLU C 15 -16.19 -8.85 -35.95
C GLU C 15 -15.36 -7.61 -36.22
N HIS C 16 -14.85 -6.98 -35.16
CA HIS C 16 -13.94 -5.84 -35.29
C HIS C 16 -12.49 -6.22 -35.03
N LYS C 17 -12.17 -7.50 -35.11
CA LYS C 17 -10.81 -7.97 -34.89
C LYS C 17 -10.23 -7.36 -33.62
N SER C 18 -11.03 -7.34 -32.56
CA SER C 18 -10.65 -6.77 -31.28
C SER C 18 -10.76 -7.82 -30.18
N GLN C 19 -10.31 -7.42 -28.99
CA GLN C 19 -10.44 -8.25 -27.80
C GLN C 19 -10.76 -7.34 -26.63
N GLY C 20 -11.67 -7.79 -25.79
CA GLY C 20 -12.05 -7.02 -24.63
C GLY C 20 -13.15 -7.71 -23.87
N VAL C 21 -13.76 -6.93 -22.97
CA VAL C 21 -14.84 -7.40 -22.12
C VAL C 21 -15.88 -6.29 -22.04
N VAL C 22 -17.15 -6.67 -22.07
CA VAL C 22 -18.26 -5.82 -21.66
C VAL C 22 -18.87 -6.45 -20.40
N VAL C 23 -19.10 -5.61 -19.39
CA VAL C 23 -19.76 -6.04 -18.15
C VAL C 23 -21.01 -5.19 -17.98
N LEU C 24 -22.14 -5.87 -17.74
CA LEU C 24 -23.43 -5.22 -17.48
C LEU C 24 -23.96 -5.61 -16.11
N TRP C 25 -24.65 -4.68 -15.45
CA TRP C 25 -25.29 -4.94 -14.17
C TRP C 25 -26.73 -4.44 -14.20
N ASN C 26 -27.68 -5.34 -13.99
CA ASN C 26 -29.10 -5.01 -13.94
C ASN C 26 -29.42 -4.59 -12.51
N GLU C 27 -29.72 -3.29 -12.30
CA GLU C 27 -29.91 -2.81 -10.93
C GLU C 27 -31.16 -3.41 -10.30
N ASN C 28 -32.26 -3.49 -11.04
CA ASN C 28 -33.49 -4.03 -10.46
C ASN C 28 -33.29 -5.47 -9.98
N LYS C 29 -32.65 -6.30 -10.79
CA LYS C 29 -32.52 -7.71 -10.54
C LYS C 29 -31.27 -8.09 -9.76
N GLN C 30 -30.35 -7.14 -9.55
CA GLN C 30 -29.10 -7.38 -8.83
C GLN C 30 -28.35 -8.55 -9.45
N GLN C 31 -28.20 -8.50 -10.77
CA GLN C 31 -27.56 -9.55 -11.53
C GLN C 31 -26.62 -8.95 -12.55
N GLY C 32 -25.50 -9.61 -12.77
CA GLY C 32 -24.50 -9.19 -13.72
C GLY C 32 -24.33 -10.16 -14.87
N PHE C 33 -23.81 -9.63 -15.98
CA PHE C 33 -23.64 -10.37 -17.23
C PHE C 33 -22.36 -9.90 -17.89
N THR C 34 -21.56 -10.82 -18.42
CA THR C 34 -20.36 -10.44 -19.14
C THR C 34 -19.99 -11.51 -20.15
N ASN C 35 -19.20 -11.11 -21.15
CA ASN C 35 -18.67 -12.11 -22.08
C ASN C 35 -17.46 -12.86 -21.53
N ASN C 36 -16.79 -12.34 -20.50
CA ASN C 36 -15.52 -12.89 -20.05
C ASN C 36 -15.39 -12.58 -18.56
N LEU C 37 -15.77 -13.55 -17.74
CA LEU C 37 -15.77 -13.34 -16.29
C LEU C 37 -14.36 -13.03 -15.77
N LYS C 38 -13.34 -13.70 -16.33
CA LYS C 38 -11.98 -13.44 -15.88
C LYS C 38 -11.56 -12.01 -16.21
N ARG C 39 -11.71 -11.58 -17.46
CA ARG C 39 -11.27 -10.23 -17.80
C ARG C 39 -12.15 -9.17 -17.14
N ALA C 40 -13.41 -9.51 -16.85
CA ALA C 40 -14.27 -8.60 -16.10
C ALA C 40 -13.64 -8.27 -14.75
N ASN C 41 -12.81 -9.17 -14.20
CA ASN C 41 -12.20 -8.96 -12.91
C ASN C 41 -10.71 -8.64 -13.01
N GLN C 42 -10.20 -8.37 -14.20
CA GLN C 42 -8.80 -8.01 -14.34
C GLN C 42 -8.64 -6.52 -14.09
N ALA C 43 -7.68 -6.17 -13.23
CA ALA C 43 -7.52 -4.77 -12.84
C ALA C 43 -6.50 -4.11 -13.75
N PHE C 44 -6.87 -2.97 -14.33
CA PHE C 44 -6.06 -2.17 -15.21
C PHE C 44 -5.90 -0.76 -14.66
N LEU C 45 -4.94 -0.01 -15.23
CA LEU C 45 -4.91 1.44 -15.02
C LEU C 45 -6.25 2.04 -15.45
N PRO C 46 -6.85 2.92 -14.65
CA PRO C 46 -8.14 3.53 -15.03
C PRO C 46 -8.03 4.57 -16.13
N ALA C 47 -6.86 5.19 -16.28
CA ALA C 47 -6.65 6.29 -17.21
C ALA C 47 -7.74 7.34 -17.01
N SER C 48 -8.31 7.91 -18.08
CA SER C 48 -9.19 9.04 -17.86
C SER C 48 -10.53 8.67 -17.23
N THR C 49 -10.85 7.39 -17.04
CA THR C 49 -12.03 7.11 -16.21
C THR C 49 -11.79 7.58 -14.79
N PHE C 50 -10.54 7.82 -14.41
CA PHE C 50 -10.21 8.36 -13.09
C PHE C 50 -10.73 9.79 -12.93
N KCX C 51 -11.14 10.44 -14.02
CA KCX C 51 -11.68 11.80 -13.91
CB KCX C 51 -11.87 12.41 -15.29
CG KCX C 51 -10.50 12.88 -15.89
CD KCX C 51 -10.61 13.69 -17.20
CE KCX C 51 -9.21 14.13 -17.67
NZ KCX C 51 -8.38 12.96 -18.03
C KCX C 51 -12.98 11.85 -13.09
O KCX C 51 -13.31 12.87 -12.50
CX KCX C 51 -7.43 12.50 -17.22
OQ1 KCX C 51 -6.80 11.50 -17.57
OQ2 KCX C 51 -7.19 13.07 -16.12
H KCX C 51 -11.12 10.12 -14.82
HA KCX C 51 -11.02 12.35 -13.43
HB2 KCX C 51 -12.43 13.20 -15.21
HG2 KCX C 51 -9.96 12.09 -16.07
HD2 KCX C 51 -10.99 13.13 -17.89
HE2 KCX C 51 -9.30 14.68 -18.46
N ILE C 52 -13.70 10.73 -13.01
CA ILE C 52 -14.88 10.67 -12.16
C ILE C 52 -14.49 10.86 -10.67
N PRO C 53 -13.67 9.98 -10.07
CA PRO C 53 -13.30 10.21 -8.66
C PRO C 53 -12.50 11.48 -8.46
N ASN C 54 -11.63 11.83 -9.41
CA ASN C 54 -10.86 13.07 -9.28
C ASN C 54 -11.79 14.28 -9.20
N SER C 55 -12.84 14.32 -10.03
CA SER C 55 -13.80 15.42 -9.98
C SER C 55 -14.49 15.45 -8.63
N LEU C 56 -14.93 14.29 -8.15
CA LEU C 56 -15.64 14.22 -6.87
C LEU C 56 -14.78 14.78 -5.75
N ILE C 57 -13.50 14.40 -5.72
CA ILE C 57 -12.61 14.85 -4.66
C ILE C 57 -12.36 16.35 -4.78
N ALA C 58 -12.10 16.84 -5.99
CA ALA C 58 -11.83 18.26 -6.17
C ALA C 58 -13.02 19.11 -5.75
N LEU C 59 -14.24 18.71 -6.10
CA LEU C 59 -15.42 19.48 -5.69
C LEU C 59 -15.61 19.45 -4.20
N ASP C 60 -15.47 18.27 -3.58
CA ASP C 60 -15.80 18.20 -2.16
C ASP C 60 -14.77 18.94 -1.31
N LEU C 61 -13.53 19.06 -1.77
CA LEU C 61 -12.50 19.82 -1.06
C LEU C 61 -12.48 21.29 -1.43
N GLY C 62 -13.33 21.73 -2.36
CA GLY C 62 -13.34 23.11 -2.77
C GLY C 62 -12.26 23.50 -3.75
N VAL C 63 -11.49 22.54 -4.27
CA VAL C 63 -10.52 22.83 -5.32
C VAL C 63 -11.24 23.35 -6.56
N VAL C 64 -12.40 22.78 -6.88
CA VAL C 64 -13.32 23.27 -7.90
C VAL C 64 -14.56 23.78 -7.18
N LYS C 65 -14.91 25.04 -7.41
CA LYS C 65 -16.04 25.65 -6.72
C LYS C 65 -17.37 25.17 -7.29
N ASP C 66 -17.51 25.15 -8.61
CA ASP C 66 -18.73 24.69 -9.24
C ASP C 66 -18.41 24.35 -10.70
N GLU C 67 -19.45 23.92 -11.43
CA GLU C 67 -19.25 23.45 -12.80
C GLU C 67 -19.07 24.58 -13.80
N HIS C 68 -19.13 25.84 -13.35
CA HIS C 68 -18.94 27.01 -14.20
C HIS C 68 -17.55 27.63 -14.07
N GLN C 69 -16.83 27.31 -13.01
CA GLN C 69 -15.50 27.85 -12.80
C GLN C 69 -14.63 27.55 -13.99
N VAL C 70 -13.90 28.56 -14.46
CA VAL C 70 -13.08 28.46 -15.66
C VAL C 70 -11.63 28.18 -15.27
N PHE C 71 -11.06 27.15 -15.88
CA PHE C 71 -9.65 26.81 -15.74
C PHE C 71 -8.95 27.25 -17.03
N LYS C 72 -8.14 28.28 -16.92
CA LYS C 72 -7.55 28.90 -18.10
C LYS C 72 -6.46 28.01 -18.70
N TRP C 73 -6.42 27.98 -20.02
CA TRP C 73 -5.32 27.32 -20.71
C TRP C 73 -4.01 27.92 -20.24
N ASP C 74 -3.04 27.06 -19.94
CA ASP C 74 -1.74 27.53 -19.51
C ASP C 74 -0.86 27.99 -20.67
N GLY C 75 -1.38 27.97 -21.89
CA GLY C 75 -0.65 28.49 -23.04
C GLY C 75 0.38 27.57 -23.63
N GLN C 76 0.48 26.33 -23.14
CA GLN C 76 1.37 25.32 -23.73
C GLN C 76 0.58 24.57 -24.78
N THR C 77 1.02 24.65 -26.03
CA THR C 77 0.35 23.93 -27.10
C THR C 77 0.62 22.44 -26.94
N ARG C 78 -0.44 21.67 -26.81
CA ARG C 78 -0.36 20.23 -26.70
C ARG C 78 -0.94 19.60 -27.96
N ASP C 79 -0.73 18.30 -28.10
CA ASP C 79 -1.07 17.63 -29.35
C ASP C 79 -2.55 17.39 -29.54
N ILE C 80 -3.35 17.55 -28.49
CA ILE C 80 -4.80 17.40 -28.57
C ILE C 80 -5.38 18.81 -28.65
N ALA C 81 -5.91 19.19 -29.82
CA ALA C 81 -6.30 20.57 -30.05
C ALA C 81 -7.31 21.07 -29.03
N THR C 82 -8.30 20.25 -28.69
N THR C 82 -8.30 20.25 -28.68
CA THR C 82 -9.34 20.67 -27.76
CA THR C 82 -9.34 20.73 -27.77
C THR C 82 -8.80 21.02 -26.38
C THR C 82 -8.80 21.02 -26.38
N TRP C 83 -7.57 20.60 -26.07
CA TRP C 83 -6.97 20.91 -24.78
C TRP C 83 -6.41 22.32 -24.74
N ASN C 84 -6.17 22.94 -25.90
CA ASN C 84 -5.50 24.24 -25.95
C ASN C 84 -6.50 25.39 -25.88
N ARG C 85 -7.34 25.37 -24.85
CA ARG C 85 -8.38 26.38 -24.68
C ARG C 85 -8.82 26.38 -23.22
N ASP C 86 -9.59 27.38 -22.83
CA ASP C 86 -10.15 27.40 -21.49
C ASP C 86 -11.22 26.34 -21.36
N HIS C 87 -11.41 25.84 -20.14
CA HIS C 87 -12.38 24.79 -19.88
C HIS C 87 -13.07 25.03 -18.54
N ASN C 88 -14.25 24.45 -18.40
CA ASN C 88 -14.85 24.26 -17.08
C ASN C 88 -14.95 22.76 -16.82
N LEU C 89 -15.58 22.39 -15.70
CA LEU C 89 -15.63 20.98 -15.34
C LEU C 89 -16.36 20.16 -16.41
N ILE C 90 -17.44 20.73 -16.99
CA ILE C 90 -18.22 20.00 -17.99
C ILE C 90 -17.37 19.73 -19.22
N THR C 91 -16.73 20.78 -19.77
CA THR C 91 -15.98 20.60 -21.00
C THR C 91 -14.67 19.85 -20.73
N ALA C 92 -14.08 20.01 -19.54
CA ALA C 92 -12.87 19.25 -19.23
C ALA C 92 -13.16 17.76 -19.20
N MET C 93 -14.33 17.37 -18.69
N MET C 93 -14.32 17.38 -18.65
CA MET C 93 -14.65 15.95 -18.72
CA MET C 93 -14.74 15.98 -18.69
C MET C 93 -15.00 15.52 -20.14
C MET C 93 -14.98 15.54 -20.13
N LYS C 94 -15.73 16.36 -20.87
CA LYS C 94 -16.14 16.01 -22.24
C LYS C 94 -14.94 15.75 -23.15
N TYR C 95 -13.91 16.58 -23.07
CA TYR C 95 -12.74 16.44 -23.92
C TYR C 95 -11.58 15.77 -23.20
N SER C 96 -11.83 15.23 -22.00
N SER C 96 -11.81 15.21 -22.01
CA SER C 96 -10.85 14.45 -21.25
CA SER C 96 -10.80 14.41 -21.31
C SER C 96 -9.53 15.21 -21.14
C SER C 96 -9.49 15.21 -21.14
N VAL C 97 -9.63 16.45 -20.67
CA VAL C 97 -8.50 17.39 -20.61
C VAL C 97 -7.56 17.06 -19.46
N VAL C 98 -6.57 16.21 -19.74
CA VAL C 98 -5.61 15.77 -18.72
C VAL C 98 -4.98 16.92 -17.95
N PRO C 99 -4.45 17.96 -18.59
CA PRO C 99 -3.70 18.96 -17.80
C PRO C 99 -4.55 19.71 -16.78
N VAL C 100 -5.85 19.88 -17.02
CA VAL C 100 -6.71 20.51 -16.03
C VAL C 100 -6.81 19.60 -14.80
N TYR C 101 -7.01 18.31 -15.02
CA TYR C 101 -7.12 17.36 -13.92
C TYR C 101 -5.79 17.13 -13.23
N GLN C 102 -4.67 17.31 -13.94
CA GLN C 102 -3.38 17.25 -13.27
C GLN C 102 -3.22 18.40 -12.29
N GLU C 103 -3.71 19.58 -12.67
CA GLU C 103 -3.71 20.72 -11.74
C GLU C 103 -4.59 20.44 -10.52
N PHE C 104 -5.78 19.83 -10.73
CA PHE C 104 -6.62 19.44 -9.60
C PHE C 104 -5.86 18.55 -8.63
N ALA C 105 -5.23 17.50 -9.16
CA ALA C 105 -4.55 16.50 -8.33
C ALA C 105 -3.42 17.11 -7.52
N ARG C 106 -2.66 18.03 -8.11
CA ARG C 106 -1.61 18.71 -7.33
C ARG C 106 -2.20 19.49 -6.17
N GLN C 107 -3.33 20.15 -6.37
CA GLN C 107 -3.95 20.92 -5.30
C GLN C 107 -4.56 20.00 -4.26
N ILE C 108 -5.11 18.86 -4.69
CA ILE C 108 -5.63 17.87 -3.75
C ILE C 108 -4.51 17.37 -2.84
N GLY C 109 -3.39 16.97 -3.44
CA GLY C 109 -2.25 16.48 -2.70
C GLY C 109 -2.33 14.98 -2.43
N GLU C 110 -1.16 14.39 -2.21
CA GLU C 110 -1.05 12.94 -2.06
C GLU C 110 -1.88 12.42 -0.90
N ALA C 111 -1.75 13.05 0.27
CA ALA C 111 -2.41 12.53 1.45
C ALA C 111 -3.93 12.49 1.30
N ARG C 112 -4.53 13.60 0.87
CA ARG C 112 -5.98 13.62 0.73
C ARG C 112 -6.46 12.73 -0.41
N MET C 113 -5.71 12.66 -1.51
CA MET C 113 -6.07 11.76 -2.60
C MET C 113 -6.08 10.30 -2.14
N SER C 114 -5.04 9.89 -1.42
CA SER C 114 -4.98 8.52 -0.93
C SER C 114 -6.13 8.22 0.01
N LYS C 115 -6.40 9.13 0.96
CA LYS C 115 -7.48 8.92 1.93
C LYS C 115 -8.83 8.78 1.24
N MET C 116 -9.09 9.63 0.24
CA MET C 116 -10.38 9.63 -0.43
C MET C 116 -10.61 8.37 -1.25
N LEU C 117 -9.57 7.86 -1.91
CA LEU C 117 -9.76 6.63 -2.66
C LEU C 117 -10.01 5.45 -1.74
N HIS C 118 -9.40 5.44 -0.56
CA HIS C 118 -9.73 4.45 0.46
C HIS C 118 -11.18 4.58 0.90
N ALA C 119 -11.65 5.82 1.08
CA ALA C 119 -13.03 6.02 1.48
C ALA C 119 -13.99 5.55 0.40
N PHE C 120 -13.60 5.70 -0.87
CA PHE C 120 -14.38 5.26 -2.02
C PHE C 120 -14.27 3.76 -2.29
N ASP C 121 -13.38 3.05 -1.60
CA ASP C 121 -13.13 1.62 -1.86
C ASP C 121 -12.72 1.39 -3.32
N TYR C 122 -11.89 2.29 -3.87
CA TYR C 122 -11.68 2.39 -5.30
C TYR C 122 -10.50 1.54 -5.74
N GLY C 123 -10.79 0.45 -6.48
CA GLY C 123 -9.71 -0.39 -7.02
C GLY C 123 -8.79 -0.88 -5.93
N ASN C 124 -7.49 -0.88 -6.21
CA ASN C 124 -6.50 -1.29 -5.22
C ASN C 124 -6.05 -0.14 -4.32
N GLU C 125 -6.64 1.04 -4.47
CA GLU C 125 -6.46 2.19 -3.57
C GLU C 125 -5.01 2.66 -3.48
N ASP C 126 -4.19 2.35 -4.48
CA ASP C 126 -2.74 2.60 -4.45
C ASP C 126 -2.41 3.73 -5.41
N ILE C 127 -2.00 4.88 -4.88
CA ILE C 127 -1.71 6.05 -5.72
C ILE C 127 -0.22 6.19 -6.02
N SER C 128 0.57 5.14 -5.78
CA SER C 128 2.00 5.24 -5.95
C SER C 128 2.34 5.81 -7.32
N GLY C 129 3.34 6.70 -7.33
CA GLY C 129 3.71 7.43 -8.54
C GLY C 129 3.61 8.93 -8.34
N ASN C 130 3.57 9.69 -9.43
CA ASN C 130 3.39 11.13 -9.34
C ASN C 130 1.94 11.44 -8.97
N VAL C 131 1.76 12.36 -8.03
CA VAL C 131 0.41 12.71 -7.61
C VAL C 131 -0.42 13.20 -8.77
N ASP C 132 0.23 13.72 -9.82
CA ASP C 132 -0.49 14.21 -10.99
C ASP C 132 -0.39 13.30 -12.22
N SER C 133 0.00 12.02 -12.04
CA SER C 133 -0.06 11.10 -13.17
C SER C 133 -0.28 9.64 -12.80
N PHE C 134 -0.54 9.31 -11.53
CA PHE C 134 -0.57 7.89 -11.12
C PHE C 134 -1.68 7.12 -11.81
N TRP C 135 -2.77 7.80 -12.22
CA TRP C 135 -3.84 7.10 -12.90
C TRP C 135 -3.52 6.82 -14.37
N LEU C 136 -2.42 7.36 -14.88
CA LEU C 136 -1.93 7.12 -16.24
C LEU C 136 -0.68 6.24 -16.29
N ASP C 137 0.19 6.31 -15.28
CA ASP C 137 1.41 5.51 -15.33
C ASP C 137 1.94 5.14 -13.95
N GLY C 138 1.07 5.15 -12.94
CA GLY C 138 1.46 4.81 -11.59
C GLY C 138 0.87 3.49 -11.15
N GLY C 139 0.62 3.33 -9.85
CA GLY C 139 0.32 2.03 -9.29
C GLY C 139 -1.14 1.66 -9.14
N ILE C 140 -2.07 2.55 -9.46
CA ILE C 140 -3.50 2.31 -9.22
C ILE C 140 -4.06 1.37 -10.29
N ARG C 141 -4.91 0.45 -9.85
CA ARG C 141 -5.51 -0.53 -10.76
C ARG C 141 -6.96 -0.75 -10.35
N ILE C 142 -7.84 -0.92 -11.33
CA ILE C 142 -9.25 -1.17 -11.09
C ILE C 142 -9.78 -2.07 -12.20
N SER C 143 -10.66 -3.00 -11.84
CA SER C 143 -11.29 -3.89 -12.79
C SER C 143 -12.64 -3.35 -13.23
N ALA C 144 -13.18 -3.94 -14.30
CA ALA C 144 -14.51 -3.51 -14.77
C ALA C 144 -15.60 -3.73 -13.71
N THR C 145 -15.57 -4.85 -12.99
CA THR C 145 -16.58 -5.05 -11.95
C THR C 145 -16.41 -4.06 -10.79
N GLU C 146 -15.17 -3.69 -10.47
CA GLU C 146 -14.95 -2.67 -9.45
C GLU C 146 -15.39 -1.28 -9.91
N GLN C 147 -15.27 -0.99 -11.21
CA GLN C 147 -15.83 0.25 -11.74
C GLN C 147 -17.33 0.30 -11.52
N ILE C 148 -18.01 -0.80 -11.78
CA ILE C 148 -19.46 -0.83 -11.59
C ILE C 148 -19.82 -0.62 -10.11
N SER C 149 -19.11 -1.29 -9.20
N SER C 149 -19.09 -1.28 -9.20
CA SER C 149 -19.39 -1.13 -7.78
CA SER C 149 -19.38 -1.13 -7.77
C SER C 149 -19.26 0.33 -7.36
C SER C 149 -19.25 0.33 -7.35
N PHE C 150 -18.18 0.99 -7.79
CA PHE C 150 -17.99 2.40 -7.51
C PHE C 150 -19.10 3.24 -8.11
N LEU C 151 -19.46 2.97 -9.37
CA LEU C 151 -20.52 3.73 -10.04
C LEU C 151 -21.87 3.56 -9.35
N ARG C 152 -22.18 2.36 -8.85
CA ARG C 152 -23.46 2.18 -8.18
C ARG C 152 -23.56 3.09 -6.95
N LYS C 153 -22.45 3.22 -6.21
CA LYS C 153 -22.46 4.12 -5.06
C LYS C 153 -22.71 5.56 -5.50
N LEU C 154 -22.02 5.98 -6.56
CA LEU C 154 -22.22 7.34 -7.07
C LEU C 154 -23.67 7.54 -7.47
N TYR C 155 -24.23 6.60 -8.23
CA TYR C 155 -25.61 6.74 -8.69
C TYR C 155 -26.56 6.94 -7.50
N HIS C 156 -26.35 6.21 -6.42
CA HIS C 156 -27.23 6.29 -5.25
C HIS C 156 -26.82 7.36 -4.24
N ASN C 157 -25.84 8.20 -4.57
CA ASN C 157 -25.33 9.24 -3.67
C ASN C 157 -24.76 8.66 -2.38
N LYS C 158 -24.15 7.47 -2.45
CA LYS C 158 -23.63 6.76 -1.28
C LYS C 158 -22.13 6.91 -1.09
N LEU C 159 -21.44 7.61 -1.97
CA LEU C 159 -20.02 7.83 -1.74
C LEU C 159 -19.84 8.84 -0.62
N HIS C 160 -18.68 8.77 0.03
CA HIS C 160 -18.44 9.60 1.22
C HIS C 160 -17.92 10.99 0.80
N VAL C 161 -18.71 11.65 -0.03
CA VAL C 161 -18.60 13.07 -0.31
C VAL C 161 -20.01 13.64 -0.30
N SER C 162 -20.13 14.95 -0.41
CA SER C 162 -21.45 15.54 -0.28
C SER C 162 -22.37 15.12 -1.42
N GLU C 163 -23.68 15.20 -1.15
CA GLU C 163 -24.65 14.97 -2.21
C GLU C 163 -24.43 15.92 -3.38
N ARG C 164 -24.15 17.20 -3.08
CA ARG C 164 -23.89 18.17 -4.13
C ARG C 164 -22.75 17.74 -5.04
N SER C 165 -21.62 17.35 -4.45
CA SER C 165 -20.49 16.92 -5.27
C SER C 165 -20.90 15.78 -6.20
N GLN C 166 -21.67 14.83 -5.69
CA GLN C 166 -22.06 13.69 -6.52
C GLN C 166 -23.01 14.12 -7.63
N ARG C 167 -23.97 15.01 -7.32
CA ARG C 167 -24.87 15.48 -8.37
C ARG C 167 -24.10 16.21 -9.48
N ILE C 168 -23.12 17.04 -9.11
CA ILE C 168 -22.38 17.79 -10.13
C ILE C 168 -21.60 16.86 -11.05
N VAL C 169 -20.96 15.84 -10.47
CA VAL C 169 -20.18 14.93 -11.30
C VAL C 169 -21.09 14.12 -12.23
N LYS C 170 -22.25 13.69 -11.73
CA LYS C 170 -23.18 12.97 -12.61
C LYS C 170 -23.68 13.86 -13.75
N GLN C 171 -23.87 15.15 -13.48
CA GLN C 171 -24.18 16.09 -14.56
C GLN C 171 -23.04 16.13 -15.57
N ALA C 172 -21.81 16.26 -15.10
CA ALA C 172 -20.67 16.32 -16.01
C ALA C 172 -20.45 15.02 -16.77
N MET C 173 -20.95 13.89 -16.27
CA MET C 173 -20.85 12.62 -16.96
C MET C 173 -21.87 12.47 -18.09
N LEU C 174 -22.80 13.40 -18.23
CA LEU C 174 -23.85 13.27 -19.22
C LEU C 174 -23.23 13.13 -20.62
N THR C 175 -23.58 12.06 -21.31
CA THR C 175 -23.01 11.76 -22.62
C THR C 175 -24.03 11.76 -23.73
N GLU C 176 -25.20 11.18 -23.51
CA GLU C 176 -26.23 11.09 -24.54
C GLU C 176 -27.59 11.02 -23.87
N ALA C 177 -28.59 11.64 -24.47
CA ALA C 177 -29.95 11.51 -23.95
C ALA C 177 -30.93 11.67 -25.11
N ASN C 178 -31.96 10.83 -25.09
CA ASN C 178 -33.03 10.91 -26.06
C ASN C 178 -34.28 10.38 -25.41
N GLY C 179 -35.34 10.18 -26.20
CA GLY C 179 -36.60 9.73 -25.66
C GLY C 179 -36.58 8.32 -25.12
N ASP C 180 -35.53 7.56 -25.38
CA ASP C 180 -35.45 6.16 -25.01
C ASP C 180 -34.50 5.88 -23.86
N TYR C 181 -33.45 6.69 -23.66
CA TYR C 181 -32.49 6.41 -22.61
C TYR C 181 -31.59 7.63 -22.37
N ILE C 182 -30.90 7.61 -21.23
CA ILE C 182 -29.87 8.57 -20.89
C ILE C 182 -28.61 7.78 -20.56
N ILE C 183 -27.48 8.16 -21.14
CA ILE C 183 -26.18 7.58 -20.79
C ILE C 183 -25.35 8.62 -20.07
N ARG C 184 -24.87 8.25 -18.88
CA ARG C 184 -23.86 8.97 -18.13
C ARG C 184 -22.64 8.06 -18.05
N ALA C 185 -21.49 8.56 -18.49
CA ALA C 185 -20.34 7.68 -18.70
C ALA C 185 -19.07 8.51 -18.80
N LYS C 186 -17.93 7.81 -18.80
CA LYS C 186 -16.62 8.42 -19.03
C LYS C 186 -15.75 7.43 -19.79
N THR C 187 -15.10 7.92 -20.85
CA THR C 187 -14.14 7.10 -21.58
C THR C 187 -12.76 7.14 -20.92
N GLY C 188 -11.94 6.16 -21.28
CA GLY C 188 -10.55 6.16 -20.88
C GLY C 188 -9.69 5.56 -21.96
N TYR C 189 -8.42 5.97 -21.99
CA TYR C 189 -7.45 5.48 -22.96
C TYR C 189 -6.10 5.42 -22.25
N SER C 190 -5.63 4.21 -21.98
CA SER C 190 -4.39 3.98 -21.24
C SER C 190 -3.30 3.63 -22.25
N THR C 191 -2.32 4.53 -22.41
CA THR C 191 -1.29 4.35 -23.41
C THR C 191 0.12 4.32 -22.88
N ARG C 192 0.34 4.68 -21.61
CA ARG C 192 1.71 4.85 -21.12
C ARG C 192 2.33 3.56 -20.65
N ILE C 193 1.54 2.60 -20.20
CA ILE C 193 2.02 1.34 -19.65
C ILE C 193 1.26 0.22 -20.36
N GLU C 194 1.97 -0.83 -20.78
CA GLU C 194 1.29 -1.95 -21.43
C GLU C 194 0.46 -2.73 -20.41
N PRO C 195 -0.66 -3.33 -20.83
CA PRO C 195 -1.22 -3.31 -22.20
C PRO C 195 -2.01 -2.05 -22.46
N LYS C 196 -1.86 -1.47 -23.63
CA LYS C 196 -2.67 -0.31 -23.98
C LYS C 196 -4.12 -0.75 -24.13
N ILE C 197 -5.03 -0.04 -23.46
CA ILE C 197 -6.45 -0.40 -23.49
C ILE C 197 -7.29 0.86 -23.59
N GLY C 198 -8.53 0.65 -24.04
CA GLY C 198 -9.56 1.66 -23.94
C GLY C 198 -10.64 1.24 -22.95
N TRP C 199 -11.25 2.23 -22.31
CA TRP C 199 -12.33 2.03 -21.35
C TRP C 199 -13.57 2.80 -21.77
N TRP C 200 -14.74 2.29 -21.38
CA TRP C 200 -15.97 3.09 -21.29
C TRP C 200 -16.75 2.56 -20.10
N VAL C 201 -17.04 3.43 -19.13
CA VAL C 201 -17.73 3.01 -17.92
C VAL C 201 -18.85 4.02 -17.63
N GLY C 202 -19.95 3.50 -17.09
CA GLY C 202 -21.10 4.37 -16.81
C GLY C 202 -22.37 3.58 -16.62
N TRP C 203 -23.49 4.20 -17.01
CA TRP C 203 -24.77 3.51 -16.91
C TRP C 203 -25.78 4.08 -17.91
N VAL C 204 -26.78 3.26 -18.19
CA VAL C 204 -27.90 3.58 -19.05
C VAL C 204 -29.13 3.71 -18.17
N GLU C 205 -29.74 4.90 -18.14
CA GLU C 205 -30.99 5.11 -17.39
C GLU C 205 -32.17 4.85 -18.29
N LEU C 206 -33.05 3.95 -17.86
CA LEU C 206 -34.31 3.69 -18.52
C LEU C 206 -35.45 4.18 -17.63
N ASP C 207 -36.67 4.12 -18.16
CA ASP C 207 -37.84 4.55 -17.41
C ASP C 207 -37.95 3.83 -16.07
N ASP C 208 -37.69 2.52 -16.04
CA ASP C 208 -37.96 1.76 -14.82
C ASP C 208 -36.79 0.87 -14.41
N ASN C 209 -35.59 1.16 -14.90
CA ASN C 209 -34.41 0.40 -14.50
C ASN C 209 -33.19 1.23 -14.82
N VAL C 210 -32.03 0.76 -14.37
N VAL C 210 -32.05 0.76 -14.34
CA VAL C 210 -30.76 1.37 -14.73
CA VAL C 210 -30.74 1.30 -14.66
C VAL C 210 -29.73 0.26 -14.92
C VAL C 210 -29.85 0.12 -14.99
N TRP C 211 -29.09 0.24 -16.07
CA TRP C 211 -28.10 -0.77 -16.43
C TRP C 211 -26.72 -0.14 -16.31
N PHE C 212 -25.93 -0.60 -15.36
CA PHE C 212 -24.56 -0.14 -15.24
C PHE C 212 -23.69 -0.94 -16.20
N PHE C 213 -22.66 -0.28 -16.74
CA PHE C 213 -21.76 -0.96 -17.66
C PHE C 213 -20.32 -0.51 -17.44
N ALA C 214 -19.41 -1.42 -17.74
CA ALA C 214 -17.99 -1.12 -17.81
C ALA C 214 -17.39 -2.04 -18.87
N MET C 215 -16.66 -1.44 -19.81
CA MET C 215 -15.99 -2.21 -20.85
C MET C 215 -14.54 -1.76 -20.95
N ASN C 216 -13.66 -2.70 -21.29
CA ASN C 216 -12.33 -2.31 -21.76
C ASN C 216 -11.94 -3.26 -22.88
N MET C 217 -11.03 -2.77 -23.71
CA MET C 217 -10.56 -3.51 -24.88
C MET C 217 -9.12 -3.12 -25.19
N ASP C 218 -8.41 -4.04 -25.85
CA ASP C 218 -7.06 -3.74 -26.30
C ASP C 218 -7.10 -2.61 -27.33
N MET C 219 -6.12 -1.70 -27.23
CA MET C 219 -6.12 -0.48 -28.04
C MET C 219 -4.67 -0.21 -28.46
N PRO C 220 -4.14 -1.04 -29.35
CA PRO C 220 -2.74 -0.86 -29.78
C PRO C 220 -2.49 0.46 -30.50
N THR C 221 -3.48 0.98 -31.21
CA THR C 221 -3.39 2.30 -31.80
C THR C 221 -4.68 3.06 -31.51
N SER C 222 -4.65 4.38 -31.71
CA SER C 222 -5.82 5.20 -31.47
C SER C 222 -6.90 5.00 -32.52
N ASP C 223 -6.60 4.24 -33.59
CA ASP C 223 -7.56 4.06 -34.67
C ASP C 223 -8.85 3.41 -34.20
N GLY C 224 -8.78 2.62 -33.13
CA GLY C 224 -9.93 1.86 -32.66
C GLY C 224 -10.75 2.50 -31.56
N LEU C 225 -10.51 3.76 -31.23
CA LEU C 225 -11.14 4.34 -30.04
C LEU C 225 -12.66 4.37 -30.16
N GLY C 226 -13.20 4.55 -31.37
CA GLY C 226 -14.64 4.57 -31.54
C GLY C 226 -15.31 3.25 -31.24
N LEU C 227 -14.54 2.16 -31.21
CA LEU C 227 -15.09 0.85 -30.89
C LEU C 227 -15.50 0.71 -29.43
N ARG C 228 -14.96 1.56 -28.54
CA ARG C 228 -15.35 1.49 -27.14
C ARG C 228 -16.87 1.63 -27.03
N GLN C 229 -17.41 2.68 -27.64
CA GLN C 229 -18.85 2.93 -27.63
C GLN C 229 -19.60 2.01 -28.60
N ALA C 230 -19.02 1.75 -29.77
CA ALA C 230 -19.73 0.98 -30.77
C ALA C 230 -19.98 -0.46 -30.28
N ILE C 231 -18.95 -1.10 -29.71
CA ILE C 231 -19.12 -2.48 -29.23
C ILE C 231 -20.09 -2.52 -28.06
N THR C 232 -19.96 -1.58 -27.13
CA THR C 232 -20.89 -1.52 -26.00
C THR C 232 -22.32 -1.42 -26.50
N LYS C 233 -22.56 -0.54 -27.48
CA LYS C 233 -23.92 -0.35 -27.97
C LYS C 233 -24.44 -1.58 -28.70
N GLU C 234 -23.58 -2.32 -29.40
CA GLU C 234 -24.02 -3.57 -30.02
C GLU C 234 -24.50 -4.56 -28.97
N VAL C 235 -23.82 -4.63 -27.83
CA VAL C 235 -24.28 -5.52 -26.76
C VAL C 235 -25.59 -5.02 -26.18
N LEU C 236 -25.67 -3.73 -25.89
CA LEU C 236 -26.90 -3.18 -25.34
C LEU C 236 -28.06 -3.43 -26.28
N LYS C 237 -27.81 -3.29 -27.59
CA LYS C 237 -28.87 -3.54 -28.57
C LYS C 237 -29.25 -5.02 -28.61
N GLN C 238 -28.24 -5.90 -28.63
CA GLN C 238 -28.53 -7.34 -28.64
C GLN C 238 -29.40 -7.72 -27.46
N GLU C 239 -29.17 -7.09 -26.32
CA GLU C 239 -29.88 -7.39 -25.08
C GLU C 239 -31.16 -6.58 -24.93
N LYS C 240 -31.58 -5.83 -25.94
CA LYS C 240 -32.84 -5.11 -25.94
C LYS C 240 -32.91 -4.03 -24.87
N ILE C 241 -31.76 -3.56 -24.40
CA ILE C 241 -31.72 -2.48 -23.43
C ILE C 241 -31.95 -1.14 -24.13
N ILE C 242 -31.38 -0.98 -25.32
CA ILE C 242 -31.67 0.18 -26.15
C ILE C 242 -32.14 -0.33 -27.51
N PRO C 243 -32.88 0.51 -28.26
CA PRO C 243 -33.37 0.14 -29.59
C PRO C 243 -32.24 -0.11 -30.58
N GLU D 2 -23.06 0.83 32.31
CA GLU D 2 -22.75 2.25 32.41
C GLU D 2 -21.89 2.71 31.25
N TRP D 3 -21.02 1.81 30.75
CA TRP D 3 -20.23 2.12 29.57
C TRP D 3 -20.42 1.04 28.54
N GLN D 4 -20.80 1.43 27.33
CA GLN D 4 -20.99 0.52 26.20
C GLN D 4 -20.04 0.91 25.09
N GLU D 5 -19.43 -0.10 24.46
CA GLU D 5 -18.50 0.11 23.37
C GLU D 5 -19.21 -0.18 22.06
N ASN D 6 -19.15 0.76 21.13
CA ASN D 6 -19.77 0.64 19.80
C ASN D 6 -18.66 0.79 18.78
N LYS D 7 -18.09 -0.34 18.37
CA LYS D 7 -16.96 -0.30 17.44
C LYS D 7 -17.36 0.12 16.03
N SER D 8 -18.65 0.15 15.70
CA SER D 8 -19.06 0.60 14.37
C SER D 8 -18.68 2.06 14.12
N TRP D 9 -18.50 2.85 15.19
CA TRP D 9 -18.06 4.21 14.99
C TRP D 9 -16.63 4.28 14.43
N ASN D 10 -15.86 3.19 14.54
CA ASN D 10 -14.48 3.22 14.06
C ASN D 10 -14.41 3.53 12.57
N ALA D 11 -15.45 3.18 11.81
CA ALA D 11 -15.45 3.47 10.39
C ALA D 11 -15.37 4.97 10.12
N HIS D 12 -15.91 5.80 11.02
CA HIS D 12 -15.81 7.24 10.82
C HIS D 12 -14.36 7.70 10.88
N PHE D 13 -13.51 6.98 11.60
CA PHE D 13 -12.08 7.29 11.64
C PHE D 13 -11.30 6.61 10.51
N THR D 14 -11.56 5.32 10.26
CA THR D 14 -10.76 4.61 9.27
C THR D 14 -11.03 5.11 7.85
N GLU D 15 -12.22 5.65 7.60
CA GLU D 15 -12.51 6.20 6.29
C GLU D 15 -11.53 7.31 5.92
N HIS D 16 -10.97 7.99 6.92
CA HIS D 16 -9.96 9.01 6.71
C HIS D 16 -8.56 8.53 7.03
N LYS D 17 -8.35 7.23 7.11
CA LYS D 17 -7.06 6.66 7.49
C LYS D 17 -6.56 7.29 8.78
N SER D 18 -7.47 7.47 9.73
CA SER D 18 -7.11 8.04 11.02
C SER D 18 -7.49 7.07 12.13
N GLN D 19 -7.16 7.48 13.33
CA GLN D 19 -7.48 6.73 14.53
C GLN D 19 -7.86 7.75 15.59
N GLY D 20 -8.84 7.40 16.41
CA GLY D 20 -9.21 8.29 17.48
C GLY D 20 -10.34 7.68 18.28
N VAL D 21 -10.91 8.50 19.15
CA VAL D 21 -11.99 8.07 20.02
C VAL D 21 -13.05 9.17 20.09
N VAL D 22 -14.31 8.76 20.08
CA VAL D 22 -15.44 9.62 20.45
C VAL D 22 -16.05 9.03 21.70
N VAL D 23 -16.28 9.87 22.70
CA VAL D 23 -16.93 9.48 23.94
C VAL D 23 -18.20 10.33 24.07
N LEU D 24 -19.34 9.68 24.29
CA LEU D 24 -20.63 10.33 24.51
C LEU D 24 -21.17 9.96 25.88
N TRP D 25 -21.84 10.91 26.53
CA TRP D 25 -22.48 10.67 27.82
C TRP D 25 -23.91 11.21 27.77
N ASN D 26 -24.87 10.32 27.97
CA ASN D 26 -26.29 10.68 28.03
C ASN D 26 -26.60 11.12 29.46
N GLU D 27 -26.87 12.42 29.66
CA GLU D 27 -27.05 12.91 31.04
C GLU D 27 -28.30 12.33 31.70
N ASN D 28 -29.42 12.26 30.98
CA ASN D 28 -30.65 11.75 31.59
C ASN D 28 -30.47 10.31 32.08
N LYS D 29 -29.87 9.46 31.25
CA LYS D 29 -29.76 8.04 31.54
C LYS D 29 -28.49 7.68 32.30
N GLN D 30 -27.56 8.61 32.47
CA GLN D 30 -26.30 8.34 33.16
C GLN D 30 -25.59 7.13 32.55
N GLN D 31 -25.44 7.17 31.24
CA GLN D 31 -24.81 6.11 30.46
C GLN D 31 -23.84 6.70 29.46
N GLY D 32 -22.72 6.02 29.26
CA GLY D 32 -21.72 6.46 28.32
C GLY D 32 -21.56 5.47 27.17
N PHE D 33 -21.05 5.97 26.05
CA PHE D 33 -20.86 5.22 24.82
C PHE D 33 -19.57 5.67 24.16
N THR D 34 -18.78 4.72 23.66
CA THR D 34 -17.57 5.08 22.96
C THR D 34 -17.19 4.01 21.95
N ASN D 35 -16.37 4.39 20.96
CA ASN D 35 -15.85 3.38 20.05
C ASN D 35 -14.67 2.61 20.62
N ASN D 36 -14.00 3.12 21.65
CA ASN D 36 -12.73 2.55 22.11
C ASN D 36 -12.59 2.87 23.60
N LEU D 37 -12.96 1.91 24.45
CA LEU D 37 -12.91 2.12 25.90
C LEU D 37 -11.50 2.44 26.37
N LYS D 38 -10.50 1.79 25.79
CA LYS D 38 -9.12 2.04 26.21
C LYS D 38 -8.71 3.48 25.90
N ARG D 39 -8.89 3.92 24.66
CA ARG D 39 -8.44 5.26 24.32
C ARG D 39 -9.31 6.31 24.97
N ALA D 40 -10.57 5.98 25.27
CA ALA D 40 -11.43 6.91 26.01
C ALA D 40 -10.80 7.31 27.33
N ASN D 41 -9.98 6.43 27.91
CA ASN D 41 -9.35 6.68 29.20
C ASN D 41 -7.86 6.97 29.06
N GLN D 42 -7.37 7.21 27.85
CA GLN D 42 -5.98 7.55 27.66
C GLN D 42 -5.79 9.04 27.84
N ALA D 43 -4.81 9.42 28.65
CA ALA D 43 -4.61 10.80 29.03
C ALA D 43 -3.58 11.46 28.09
N PHE D 44 -3.95 12.61 27.55
CA PHE D 44 -3.13 13.40 26.64
C PHE D 44 -2.99 14.82 27.17
N LEU D 45 -2.05 15.56 26.57
CA LEU D 45 -2.02 17.00 26.74
C LEU D 45 -3.37 17.59 26.32
N PRO D 46 -3.95 18.49 27.11
CA PRO D 46 -5.25 19.10 26.72
C PRO D 46 -5.14 20.11 25.60
N ALA D 47 -3.97 20.74 25.45
CA ALA D 47 -3.75 21.85 24.51
C ALA D 47 -4.83 22.89 24.70
N SER D 48 -5.40 23.46 23.65
CA SER D 48 -6.31 24.58 23.88
C SER D 48 -7.65 24.21 24.54
N THR D 49 -7.95 22.93 24.78
CA THR D 49 -9.14 22.64 25.59
C THR D 49 -8.92 23.14 27.01
N PHE D 50 -7.66 23.39 27.39
CA PHE D 50 -7.33 23.95 28.70
C PHE D 50 -7.84 25.39 28.85
N KCX D 51 -8.23 26.03 27.75
CA KCX D 51 -8.76 27.38 27.84
CB KCX D 51 -8.94 27.98 26.45
CG KCX D 51 -7.57 28.37 25.80
CD KCX D 51 -7.66 29.21 24.51
CE KCX D 51 -6.25 29.61 23.99
NZ KCX D 51 -5.48 28.40 23.60
C KCX D 51 -10.05 27.41 28.66
O KCX D 51 -10.41 28.46 29.23
CX KCX D 51 -4.54 27.91 24.39
OQ1 KCX D 51 -3.93 26.89 24.07
OQ2 KCX D 51 -4.29 28.49 25.47
H KCX D 51 -8.21 25.71 26.95
HA KCX D 51 -8.09 27.93 28.32
HB2 KCX D 51 -9.48 28.78 26.52
HG2 KCX D 51 -7.04 28.88 26.46
HD2 KCX D 51 -8.09 28.67 23.82
HE2 KCX D 51 -6.34 30.17 23.20
N ILE D 52 -10.75 26.27 28.78
CA ILE D 52 -11.93 26.25 29.63
C ILE D 52 -11.55 26.48 31.10
N PRO D 53 -10.73 25.61 31.72
CA PRO D 53 -10.39 25.87 33.13
C PRO D 53 -9.56 27.14 33.32
N ASN D 54 -8.70 27.47 32.36
CA ASN D 54 -7.92 28.71 32.46
C ASN D 54 -8.84 29.92 32.52
N SER D 55 -9.90 29.94 31.70
CA SER D 55 -10.87 31.03 31.73
C SER D 55 -11.56 31.11 33.08
N LEU D 56 -12.00 29.96 33.59
CA LEU D 56 -12.69 29.93 34.87
C LEU D 56 -11.83 30.52 35.96
N ILE D 57 -10.55 30.15 35.97
CA ILE D 57 -9.67 30.60 37.04
C ILE D 57 -9.42 32.10 36.90
N ALA D 58 -9.13 32.56 35.68
CA ALA D 58 -8.87 33.98 35.48
C ALA D 58 -10.07 34.83 35.91
N LEU D 59 -11.28 34.40 35.57
CA LEU D 59 -12.47 35.13 35.98
C LEU D 59 -12.65 35.13 37.49
N ASP D 60 -12.49 33.98 38.14
CA ASP D 60 -12.80 33.92 39.55
C ASP D 60 -11.79 34.72 40.37
N LEU D 61 -10.55 34.85 39.89
CA LEU D 61 -9.52 35.65 40.56
C LEU D 61 -9.53 37.12 40.16
N GLY D 62 -10.37 37.52 39.21
CA GLY D 62 -10.39 38.90 38.76
C GLY D 62 -9.31 39.25 37.78
N VAL D 63 -8.55 38.28 37.28
CA VAL D 63 -7.59 38.55 36.21
C VAL D 63 -8.34 39.05 34.98
N VAL D 64 -9.52 38.48 34.74
CA VAL D 64 -10.45 38.93 33.71
C VAL D 64 -11.68 39.46 34.44
N LYS D 65 -12.02 40.72 34.16
CA LYS D 65 -13.14 41.38 34.84
C LYS D 65 -14.48 40.85 34.33
N ASP D 66 -14.64 40.78 33.01
CA ASP D 66 -15.85 40.28 32.41
C ASP D 66 -15.54 39.92 30.96
N GLU D 67 -16.57 39.48 30.23
CA GLU D 67 -16.39 39.01 28.86
C GLU D 67 -16.19 40.14 27.87
N HIS D 68 -16.24 41.40 28.31
CA HIS D 68 -16.04 42.57 27.45
C HIS D 68 -14.64 43.17 27.56
N GLN D 69 -13.91 42.88 28.63
CA GLN D 69 -12.58 43.44 28.82
C GLN D 69 -11.68 43.13 27.63
N VAL D 70 -10.97 44.15 27.14
CA VAL D 70 -10.12 44.00 25.94
C VAL D 70 -8.70 43.71 26.36
N PHE D 71 -8.10 42.70 25.74
CA PHE D 71 -6.69 42.36 25.90
C PHE D 71 -6.03 42.77 24.59
N LYS D 72 -5.26 43.85 24.65
CA LYS D 72 -4.69 44.43 23.45
C LYS D 72 -3.59 43.56 22.87
N TRP D 73 -3.55 43.50 21.54
CA TRP D 73 -2.44 42.85 20.85
C TRP D 73 -1.12 43.44 21.32
N ASP D 74 -0.17 42.56 21.63
CA ASP D 74 1.15 43.03 22.07
C ASP D 74 2.04 43.49 20.93
N GLY D 75 1.54 43.48 19.69
CA GLY D 75 2.29 43.98 18.55
C GLY D 75 3.31 43.03 17.95
N GLN D 76 3.38 41.79 18.43
CA GLN D 76 4.23 40.78 17.83
C GLN D 76 3.43 40.04 16.77
N THR D 77 3.87 40.11 15.52
CA THR D 77 3.17 39.38 14.47
C THR D 77 3.44 37.89 14.62
N ARG D 78 2.39 37.12 14.77
CA ARG D 78 2.47 35.68 14.91
C ARG D 78 1.87 35.03 13.67
N ASP D 79 2.05 33.72 13.55
CA ASP D 79 1.71 33.06 12.30
C ASP D 79 0.22 32.87 12.10
N ILE D 80 -0.59 33.04 13.14
CA ILE D 80 -2.04 32.94 13.05
C ILE D 80 -2.59 34.35 12.97
N ALA D 81 -3.10 34.72 11.79
CA ALA D 81 -3.47 36.11 11.55
C ALA D 81 -4.49 36.60 12.58
N THR D 82 -5.48 35.78 12.93
CA THR D 82 -6.51 36.21 13.85
C THR D 82 -5.96 36.51 15.25
N TRP D 83 -4.74 36.07 15.55
CA TRP D 83 -4.12 36.39 16.83
C TRP D 83 -3.53 37.78 16.86
N ASN D 84 -3.29 38.39 15.71
CA ASN D 84 -2.62 39.70 15.64
C ASN D 84 -3.61 40.86 15.73
N ARG D 85 -4.44 40.86 16.76
CA ARG D 85 -5.47 41.88 16.92
C ARG D 85 -5.91 41.87 18.38
N ASP D 86 -6.68 42.89 18.76
CA ASP D 86 -7.23 42.91 20.11
C ASP D 86 -8.31 41.85 20.25
N HIS D 87 -8.48 41.35 21.48
CA HIS D 87 -9.46 40.31 21.76
C HIS D 87 -10.13 40.58 23.09
N ASN D 88 -11.31 40.00 23.26
CA ASN D 88 -11.91 39.82 24.57
C ASN D 88 -12.03 38.31 24.83
N LEU D 89 -12.67 37.95 25.95
CA LEU D 89 -12.74 36.54 26.32
C LEU D 89 -13.49 35.72 25.27
N ILE D 90 -14.56 36.28 24.71
CA ILE D 90 -15.34 35.57 23.70
C ILE D 90 -14.49 35.31 22.47
N THR D 91 -13.85 36.35 21.93
CA THR D 91 -13.10 36.17 20.69
C THR D 91 -11.80 35.41 20.95
N ALA D 92 -11.21 35.57 22.12
CA ALA D 92 -10.01 34.82 22.45
C ALA D 92 -10.28 33.32 22.48
N MET D 93 -11.44 32.91 22.98
N MET D 93 -11.44 32.92 23.03
CA MET D 93 -11.76 31.49 22.95
CA MET D 93 -11.85 31.53 22.98
C MET D 93 -12.17 31.04 21.55
C MET D 93 -12.13 31.08 21.55
N LYS D 94 -12.89 31.89 20.81
CA LYS D 94 -13.31 31.55 19.45
C LYS D 94 -12.12 31.27 18.54
N TYR D 95 -11.08 32.09 18.64
CA TYR D 95 -9.91 31.96 17.78
C TYR D 95 -8.74 31.26 18.47
N SER D 96 -8.98 30.72 19.67
N SER D 96 -8.96 30.68 19.65
CA SER D 96 -7.99 29.96 20.43
CA SER D 96 -7.92 29.93 20.37
C SER D 96 -6.67 30.73 20.53
C SER D 96 -6.64 30.75 20.49
N VAL D 97 -6.77 31.95 21.04
CA VAL D 97 -5.66 32.90 21.08
C VAL D 97 -4.70 32.58 22.23
N VAL D 98 -3.72 31.72 21.95
CA VAL D 98 -2.74 31.29 22.96
C VAL D 98 -2.09 32.46 23.71
N PRO D 99 -1.57 33.50 23.04
CA PRO D 99 -0.81 34.52 23.80
C PRO D 99 -1.65 35.28 24.81
N VAL D 100 -2.96 35.42 24.58
CA VAL D 100 -3.82 36.04 25.59
C VAL D 100 -3.90 35.15 26.82
N TYR D 101 -4.09 33.85 26.61
CA TYR D 101 -4.20 32.92 27.72
C TYR D 101 -2.86 32.69 28.40
N GLN D 102 -1.75 32.86 27.68
CA GLN D 102 -0.45 32.82 28.34
C GLN D 102 -0.31 33.99 29.32
N GLU D 103 -0.82 35.16 28.94
CA GLU D 103 -0.80 36.28 29.86
C GLU D 103 -1.69 36.00 31.07
N PHE D 104 -2.88 35.40 30.86
CA PHE D 104 -3.72 35.01 31.99
C PHE D 104 -2.94 34.14 32.98
N ALA D 105 -2.29 33.10 32.45
CA ALA D 105 -1.62 32.12 33.30
C ALA D 105 -0.49 32.75 34.10
N ARG D 106 0.26 33.66 33.50
CA ARG D 106 1.31 34.36 34.26
C ARG D 106 0.72 35.15 35.42
N GLN D 107 -0.42 35.82 35.20
CA GLN D 107 -1.03 36.59 36.28
C GLN D 107 -1.62 35.68 37.35
N ILE D 108 -2.16 34.53 36.93
CA ILE D 108 -2.66 33.55 37.90
C ILE D 108 -1.51 33.05 38.78
N GLY D 109 -0.43 32.64 38.14
CA GLY D 109 0.74 32.16 38.86
C GLY D 109 0.65 30.68 39.20
N GLU D 110 1.82 30.08 39.42
CA GLU D 110 1.91 28.64 39.64
C GLU D 110 1.09 28.19 40.85
N ALA D 111 1.23 28.87 41.98
CA ALA D 111 0.58 28.39 43.20
C ALA D 111 -0.94 28.36 43.05
N ARG D 112 -1.55 29.44 42.54
CA ARG D 112 -3.00 29.47 42.42
C ARG D 112 -3.47 28.52 41.31
N MET D 113 -2.71 28.40 40.22
CA MET D 113 -3.11 27.50 39.14
C MET D 113 -3.16 26.06 39.65
N SER D 114 -2.13 25.64 40.38
CA SER D 114 -2.09 24.27 40.90
C SER D 114 -3.24 24.01 41.86
N LYS D 115 -3.48 24.93 42.79
CA LYS D 115 -4.56 24.72 43.76
C LYS D 115 -5.90 24.60 43.06
N MET D 116 -6.14 25.44 42.06
N MET D 116 -6.14 25.42 42.04
CA MET D 116 -7.40 25.41 41.34
CA MET D 116 -7.44 25.39 41.37
C MET D 116 -7.60 24.10 40.60
C MET D 116 -7.62 24.14 40.52
N LEU D 117 -6.55 23.58 39.95
CA LEU D 117 -6.72 22.34 39.20
C LEU D 117 -6.95 21.17 40.15
N HIS D 118 -6.34 21.20 41.34
CA HIS D 118 -6.68 20.20 42.34
C HIS D 118 -8.14 20.35 42.77
N ALA D 119 -8.62 21.59 42.95
CA ALA D 119 -10.01 21.78 43.32
C ALA D 119 -10.95 21.31 42.21
N PHE D 120 -10.54 21.44 40.95
CA PHE D 120 -11.34 20.98 39.82
C PHE D 120 -11.23 19.48 39.58
N ASP D 121 -10.33 18.78 40.25
CA ASP D 121 -10.11 17.35 40.00
C ASP D 121 -9.71 17.11 38.55
N TYR D 122 -8.95 18.05 37.97
CA TYR D 122 -8.74 18.12 36.53
C TYR D 122 -7.57 17.23 36.10
N GLY D 123 -7.87 16.13 35.40
CA GLY D 123 -6.83 15.28 34.85
C GLY D 123 -5.87 14.81 35.92
N ASN D 124 -4.57 14.78 35.58
CA ASN D 124 -3.56 14.37 36.55
C ASN D 124 -3.10 15.52 37.45
N GLU D 125 -3.70 16.71 37.29
CA GLU D 125 -3.50 17.84 38.19
C GLU D 125 -2.02 18.29 38.28
N ASP D 126 -1.21 18.02 37.25
CA ASP D 126 0.24 18.23 37.27
C ASP D 126 0.56 19.39 36.34
N ILE D 127 1.01 20.52 36.89
CA ILE D 127 1.29 21.71 36.07
C ILE D 127 2.79 21.85 35.78
N SER D 128 3.57 20.80 36.00
CA SER D 128 5.01 20.88 35.80
C SER D 128 5.34 21.47 34.43
N GLY D 129 6.33 22.37 34.42
CA GLY D 129 6.66 23.10 33.21
C GLY D 129 6.56 24.60 33.39
N ASN D 130 6.52 25.34 32.28
CA ASN D 130 6.34 26.78 32.36
C ASN D 130 4.88 27.06 32.73
N VAL D 131 4.68 28.01 33.64
CA VAL D 131 3.31 28.34 34.05
C VAL D 131 2.48 28.81 32.87
N ASP D 132 3.13 29.33 31.82
CA ASP D 132 2.40 29.81 30.64
C ASP D 132 2.49 28.89 29.43
N SER D 133 2.89 27.61 29.61
CA SER D 133 2.84 26.66 28.50
C SER D 133 2.62 25.21 28.90
N PHE D 134 2.36 24.89 30.18
CA PHE D 134 2.34 23.49 30.58
C PHE D 134 1.21 22.71 29.90
N TRP D 135 0.12 23.37 29.49
CA TRP D 135 -0.96 22.67 28.81
C TRP D 135 -0.64 22.37 27.36
N LEU D 136 0.45 22.92 26.86
CA LEU D 136 0.94 22.68 25.51
C LEU D 136 2.18 21.81 25.46
N ASP D 137 3.08 21.89 26.46
CA ASP D 137 4.29 21.08 26.42
C ASP D 137 4.84 20.74 27.80
N GLY D 138 4.00 20.75 28.83
CA GLY D 138 4.38 20.43 30.18
C GLY D 138 3.81 19.10 30.64
N GLY D 139 3.57 18.96 31.93
CA GLY D 139 3.28 17.67 32.50
C GLY D 139 1.81 17.30 32.65
N ILE D 140 0.87 18.19 32.32
CA ILE D 140 -0.54 17.95 32.56
C ILE D 140 -1.12 17.01 31.51
N ARG D 141 -1.99 16.11 31.95
CA ARG D 141 -2.59 15.12 31.06
C ARG D 141 -4.03 14.91 31.49
N ILE D 142 -4.92 14.72 30.51
CA ILE D 142 -6.33 14.45 30.79
C ILE D 142 -6.88 13.54 29.71
N SER D 143 -7.75 12.64 30.12
CA SER D 143 -8.41 11.72 29.19
C SER D 143 -9.76 12.29 28.75
N ALA D 144 -10.32 11.68 27.69
CA ALA D 144 -11.65 12.07 27.22
C ALA D 144 -12.74 11.88 28.28
N THR D 145 -12.70 10.78 29.02
CA THR D 145 -13.71 10.60 30.07
C THR D 145 -13.53 11.61 31.19
N GLU D 146 -12.29 11.99 31.49
CA GLU D 146 -12.02 13.02 32.49
C GLU D 146 -12.48 14.39 32.02
N GLN D 147 -12.38 14.67 30.73
CA GLN D 147 -12.95 15.90 30.18
C GLN D 147 -14.45 15.94 30.40
N ILE D 148 -15.13 14.81 30.16
CA ILE D 148 -16.58 14.79 30.35
C ILE D 148 -16.94 15.04 31.81
N SER D 149 -16.26 14.35 32.73
N SER D 149 -16.26 14.36 32.74
CA SER D 149 -16.54 14.53 34.15
CA SER D 149 -16.60 14.54 34.14
C SER D 149 -16.43 15.99 34.55
C SER D 149 -16.41 16.00 34.58
N PHE D 150 -15.37 16.65 34.08
CA PHE D 150 -15.13 18.06 34.37
C PHE D 150 -16.22 18.94 33.78
N LEU D 151 -16.56 18.68 32.51
CA LEU D 151 -17.62 19.44 31.83
C LEU D 151 -18.98 19.29 32.52
N ARG D 152 -19.28 18.10 33.04
CA ARG D 152 -20.56 17.91 33.71
C ARG D 152 -20.68 18.81 34.92
N LYS D 153 -19.60 18.94 35.69
CA LYS D 153 -19.59 19.86 36.82
C LYS D 153 -19.82 21.27 36.33
N LEU D 154 -19.13 21.66 35.26
CA LEU D 154 -19.30 23.00 34.75
C LEU D 154 -20.76 23.23 34.34
N TYR D 155 -21.33 22.26 33.62
CA TYR D 155 -22.73 22.38 33.18
C TYR D 155 -23.64 22.63 34.37
N HIS D 156 -23.40 21.93 35.48
CA HIS D 156 -24.25 22.01 36.66
C HIS D 156 -23.82 23.09 37.65
N ASN D 157 -22.87 23.95 37.30
CA ASN D 157 -22.37 24.99 38.20
C ASN D 157 -21.80 24.40 39.49
N LYS D 158 -21.19 23.23 39.38
CA LYS D 158 -20.68 22.50 40.54
C LYS D 158 -19.17 22.63 40.73
N LEU D 159 -18.47 23.35 39.86
CA LEU D 159 -17.06 23.59 40.08
C LEU D 159 -16.88 24.61 41.18
N HIS D 160 -15.70 24.56 41.81
CA HIS D 160 -15.43 25.39 42.98
C HIS D 160 -14.90 26.77 42.56
N VAL D 161 -15.70 27.43 41.73
CA VAL D 161 -15.61 28.85 41.45
C VAL D 161 -17.04 29.38 41.47
N SER D 162 -17.21 30.69 41.34
CA SER D 162 -18.54 31.27 41.45
C SER D 162 -19.44 30.82 40.30
N GLU D 163 -20.75 30.87 40.56
CA GLU D 163 -21.72 30.62 39.51
C GLU D 163 -21.51 31.58 38.33
N ARG D 164 -21.25 32.84 38.63
CA ARG D 164 -21.00 33.84 37.58
C ARG D 164 -19.84 33.42 36.66
N SER D 165 -18.71 33.03 37.25
CA SER D 165 -17.58 32.63 36.42
C SER D 165 -17.95 31.47 35.50
N GLN D 166 -18.69 30.50 36.02
CA GLN D 166 -19.08 29.35 35.21
C GLN D 166 -20.07 29.74 34.11
N ARG D 167 -21.01 30.62 34.42
CA ARG D 167 -21.93 31.10 33.39
C ARG D 167 -21.19 31.84 32.27
N ILE D 168 -20.21 32.68 32.63
CA ILE D 168 -19.49 33.43 31.61
C ILE D 168 -18.72 32.49 30.71
N VAL D 169 -18.09 31.47 31.30
CA VAL D 169 -17.31 30.56 30.47
C VAL D 169 -18.21 29.75 29.55
N LYS D 170 -19.38 29.32 30.05
CA LYS D 170 -20.29 28.59 29.18
C LYS D 170 -20.80 29.47 28.04
N GLN D 171 -20.97 30.78 28.29
CA GLN D 171 -21.27 31.71 27.21
C GLN D 171 -20.14 31.74 26.19
N ALA D 172 -18.91 31.86 26.67
CA ALA D 172 -17.76 31.90 25.76
C ALA D 172 -17.54 30.58 25.01
N MET D 173 -18.04 29.47 25.53
CA MET D 173 -17.94 28.20 24.81
C MET D 173 -18.97 28.05 23.69
N LEU D 174 -19.91 28.99 23.57
CA LEU D 174 -20.97 28.84 22.59
C LEU D 174 -20.37 28.72 21.20
N THR D 175 -20.72 27.64 20.50
CA THR D 175 -20.16 27.32 19.20
C THR D 175 -21.20 27.30 18.09
N GLU D 176 -22.37 26.71 18.34
CA GLU D 176 -23.38 26.59 17.29
C GLU D 176 -24.75 26.55 17.96
N ALA D 177 -25.74 27.21 17.36
CA ALA D 177 -27.09 27.10 17.86
C ALA D 177 -28.06 27.26 16.70
N ASN D 178 -29.08 26.42 16.70
CA ASN D 178 -30.14 26.47 15.72
C ASN D 178 -31.41 25.96 16.39
N GLY D 179 -32.45 25.75 15.60
CA GLY D 179 -33.71 25.33 16.15
C GLY D 179 -33.71 23.92 16.71
N ASP D 180 -32.66 23.15 16.47
CA ASP D 180 -32.59 21.75 16.87
C ASP D 180 -31.66 21.47 18.03
N TYR D 181 -30.60 22.27 18.22
CA TYR D 181 -29.63 21.98 19.27
C TYR D 181 -28.75 23.20 19.51
N ILE D 182 -28.06 23.19 20.64
CA ILE D 182 -27.01 24.15 20.97
C ILE D 182 -25.76 23.34 21.29
N ILE D 183 -24.60 23.73 20.72
CA ILE D 183 -23.32 23.14 21.08
C ILE D 183 -22.46 24.18 21.79
N ARG D 184 -22.01 23.82 22.99
CA ARG D 184 -20.97 24.56 23.71
C ARG D 184 -19.76 23.64 23.79
N ALA D 185 -18.60 24.12 23.34
CA ALA D 185 -17.46 23.23 23.13
C ALA D 185 -16.19 24.04 22.99
N LYS D 186 -15.06 23.34 23.02
CA LYS D 186 -13.76 23.94 22.76
C LYS D 186 -12.88 22.98 21.97
N THR D 187 -12.25 23.48 20.92
CA THR D 187 -11.29 22.68 20.16
C THR D 187 -9.91 22.68 20.83
N GLY D 188 -9.09 21.71 20.46
CA GLY D 188 -7.70 21.68 20.87
C GLY D 188 -6.86 21.04 19.79
N TYR D 189 -5.58 21.43 19.75
CA TYR D 189 -4.63 20.91 18.77
C TYR D 189 -3.27 20.84 19.45
N SER D 190 -2.80 19.64 19.74
CA SER D 190 -1.55 19.43 20.47
C SER D 190 -0.45 19.07 19.47
N THR D 191 0.53 19.96 19.28
CA THR D 191 1.57 19.72 18.31
C THR D 191 2.99 19.73 18.87
N ARG D 192 3.19 20.14 20.13
CA ARG D 192 4.55 20.36 20.60
C ARG D 192 5.23 19.08 21.08
N ILE D 193 4.44 18.11 21.56
CA ILE D 193 4.96 16.84 22.05
C ILE D 193 4.15 15.71 21.43
N GLU D 194 4.83 14.67 20.96
CA GLU D 194 4.13 13.55 20.32
C GLU D 194 3.32 12.78 21.36
N PRO D 195 2.20 12.16 20.97
CA PRO D 195 1.64 12.16 19.61
C PRO D 195 0.80 13.41 19.34
N LYS D 196 0.93 13.99 18.14
CA LYS D 196 0.13 15.13 17.77
C LYS D 196 -1.33 14.71 17.64
N ILE D 197 -2.21 15.44 18.31
CA ILE D 197 -3.62 15.09 18.32
C ILE D 197 -4.47 16.36 18.23
N GLY D 198 -5.70 16.16 17.81
CA GLY D 198 -6.74 17.16 17.91
C GLY D 198 -7.80 16.72 18.90
N TRP D 199 -8.44 17.69 19.54
CA TRP D 199 -9.50 17.51 20.53
C TRP D 199 -10.74 18.27 20.10
N TRP D 200 -11.90 17.77 20.51
CA TRP D 200 -13.12 18.56 20.60
C TRP D 200 -13.92 18.06 21.78
N VAL D 201 -14.21 18.94 22.74
CA VAL D 201 -14.89 18.56 23.96
C VAL D 201 -16.00 19.56 24.24
N GLY D 202 -17.12 19.08 24.78
CA GLY D 202 -18.24 19.98 25.08
C GLY D 202 -19.52 19.21 25.29
N TRP D 203 -20.64 19.84 24.92
CA TRP D 203 -21.92 19.15 25.02
C TRP D 203 -22.93 19.70 24.02
N VAL D 204 -23.93 18.87 23.74
CA VAL D 204 -25.05 19.17 22.87
C VAL D 204 -26.29 19.31 23.76
N GLU D 205 -26.89 20.49 23.78
CA GLU D 205 -28.12 20.73 24.53
C GLU D 205 -29.31 20.45 23.61
N LEU D 206 -30.19 19.55 24.05
CA LEU D 206 -31.46 19.30 23.38
C LEU D 206 -32.59 19.82 24.25
N ASP D 207 -33.80 19.79 23.71
CA ASP D 207 -34.97 20.24 24.48
C ASP D 207 -35.11 19.54 25.82
N ASP D 208 -34.86 18.22 25.87
CA ASP D 208 -35.13 17.48 27.11
C ASP D 208 -33.97 16.58 27.54
N ASN D 209 -32.76 16.85 27.05
CA ASN D 209 -31.58 16.10 27.46
C ASN D 209 -30.34 16.89 27.11
N VAL D 210 -29.20 16.43 27.60
N VAL D 210 -29.21 16.43 27.63
CA VAL D 210 -27.91 16.98 27.23
CA VAL D 210 -27.90 16.95 27.27
C VAL D 210 -26.93 15.83 27.05
C VAL D 210 -27.01 15.76 27.01
N TRP D 211 -26.26 15.81 25.90
CA TRP D 211 -25.25 14.81 25.57
C TRP D 211 -23.87 15.47 25.65
N PHE D 212 -23.05 15.04 26.60
CA PHE D 212 -21.68 15.50 26.70
C PHE D 212 -20.82 14.69 25.76
N PHE D 213 -19.78 15.33 25.21
CA PHE D 213 -18.87 14.62 24.32
C PHE D 213 -17.44 15.08 24.53
N ALA D 214 -16.53 14.15 24.26
CA ALA D 214 -15.10 14.43 24.16
C ALA D 214 -14.51 13.50 23.12
N MET D 215 -13.78 14.06 22.18
CA MET D 215 -13.13 13.27 21.13
C MET D 215 -11.69 13.72 20.99
N ASN D 216 -10.83 12.77 20.64
CA ASN D 216 -9.50 13.13 20.17
C ASN D 216 -9.13 12.17 19.07
N MET D 217 -8.22 12.61 18.21
CA MET D 217 -7.80 11.83 17.05
C MET D 217 -6.36 12.19 16.72
N ASP D 218 -5.66 11.26 16.07
CA ASP D 218 -4.31 11.56 15.61
C ASP D 218 -4.35 12.65 14.55
N MET D 219 -3.39 13.56 14.60
CA MET D 219 -3.39 14.76 13.77
C MET D 219 -1.98 15.04 13.31
N PRO D 220 -1.44 14.21 12.42
CA PRO D 220 -0.06 14.41 11.95
C PRO D 220 0.16 15.73 11.20
N THR D 221 -0.86 16.25 10.51
CA THR D 221 -0.76 17.56 9.88
C THR D 221 -2.03 18.36 10.19
N SER D 222 -1.95 19.68 9.95
CA SER D 222 -3.10 20.55 10.18
C SER D 222 -4.21 20.37 9.14
N ASP D 223 -3.96 19.64 8.05
CA ASP D 223 -4.97 19.49 7.01
C ASP D 223 -6.23 18.80 7.51
N GLY D 224 -6.14 18.02 8.58
CA GLY D 224 -7.26 17.25 9.08
C GLY D 224 -8.05 17.88 10.21
N LEU D 225 -7.79 19.14 10.56
CA LEU D 225 -8.39 19.72 11.76
C LEU D 225 -9.91 19.73 11.67
N GLY D 226 -10.47 19.89 10.46
CA GLY D 226 -11.92 19.92 10.32
C GLY D 226 -12.60 18.60 10.67
N LEU D 227 -11.85 17.51 10.67
CA LEU D 227 -12.41 16.21 11.03
C LEU D 227 -12.79 16.12 12.50
N ARG D 228 -12.20 16.96 13.37
CA ARG D 228 -12.58 16.92 14.77
C ARG D 228 -14.09 17.10 14.91
N GLN D 229 -14.62 18.15 14.32
CA GLN D 229 -16.06 18.41 14.38
C GLN D 229 -16.83 17.51 13.43
N ALA D 230 -16.28 17.25 12.24
CA ALA D 230 -17.00 16.46 11.24
C ALA D 230 -17.24 15.03 11.72
N ILE D 231 -16.21 14.38 12.28
CA ILE D 231 -16.37 13.01 12.75
C ILE D 231 -17.34 12.96 13.94
N THR D 232 -17.20 13.89 14.90
CA THR D 232 -18.14 13.92 16.02
C THR D 232 -19.57 14.05 15.52
N LYS D 233 -19.81 14.93 14.56
CA LYS D 233 -21.17 15.15 14.09
C LYS D 233 -21.71 13.95 13.32
N GLU D 234 -20.85 13.22 12.61
CA GLU D 234 -21.29 11.97 11.99
C GLU D 234 -21.76 10.96 13.04
N VAL D 235 -21.08 10.90 14.18
CA VAL D 235 -21.49 9.99 15.24
C VAL D 235 -22.82 10.44 15.84
N LEU D 236 -22.93 11.73 16.13
CA LEU D 236 -24.18 12.26 16.70
C LEU D 236 -25.36 12.00 15.77
N LYS D 237 -25.15 12.16 14.48
CA LYS D 237 -26.20 11.88 13.50
C LYS D 237 -26.52 10.38 13.45
N GLN D 238 -25.48 9.54 13.41
CA GLN D 238 -25.70 8.09 13.42
C GLN D 238 -26.54 7.66 14.62
N GLU D 239 -26.35 8.29 15.76
CA GLU D 239 -27.07 7.95 16.96
C GLU D 239 -28.37 8.73 17.11
N LYS D 240 -28.76 9.50 16.09
CA LYS D 240 -30.04 10.21 16.08
C LYS D 240 -30.11 11.26 17.16
N ILE D 241 -28.96 11.77 17.60
CA ILE D 241 -28.91 12.85 18.56
C ILE D 241 -29.17 14.20 17.88
N ILE D 242 -28.60 14.38 16.69
CA ILE D 242 -28.89 15.56 15.89
C ILE D 242 -29.37 15.06 14.53
N PRO D 243 -30.12 15.89 13.78
CA PRO D 243 -30.60 15.48 12.45
C PRO D 243 -29.47 15.24 11.46
CL CL E . 33.28 11.43 -12.53
C1 EDO F . 26.08 -9.31 11.63
O1 EDO F . 26.91 -10.25 10.93
C2 EDO F . 26.20 -7.96 10.96
O2 EDO F . 25.80 -8.05 9.58
H11 EDO F . 25.05 -9.65 11.62
H12 EDO F . 26.41 -9.25 12.67
HO1 EDO F . 26.83 -11.12 11.34
H21 EDO F . 25.56 -7.24 11.47
H22 EDO F . 27.23 -7.61 11.02
HO2 EDO F . 25.88 -7.18 9.16
C1 EDO G . 30.09 3.19 -27.90
O1 EDO G . 31.49 2.93 -27.98
C2 EDO G . 29.51 2.51 -26.66
O2 EDO G . 29.99 3.19 -25.49
H11 EDO G . 29.92 4.27 -27.84
H12 EDO G . 29.58 2.82 -28.78
HO1 EDO G . 31.85 3.37 -28.76
H21 EDO G . 28.42 2.56 -26.69
H22 EDO G . 29.81 1.46 -26.63
HO2 EDO G . 29.62 2.76 -24.70
CL CL H . -6.29 -39.37 2.51
C10 AV7 I . 6.97 -20.23 -0.87
C13 AV7 I . 8.34 -20.27 5.13
C11 AV7 I . 6.89 -20.59 0.46
C12 AV7 I . 8.56 -20.08 3.78
N AV7 I . 9.80 -17.88 -0.82
C AV7 I . 4.69 -21.22 5.15
O AV7 I . 4.56 -21.38 6.43
C1 AV7 I . 6.05 -20.84 4.69
C14 AV7 I . 7.09 -20.66 5.59
C2 AV7 I . 6.29 -20.65 3.33
C3 AV7 I . 7.53 -20.26 2.85
C4 AV7 I . 7.73 -20.00 1.41
C5 AV7 I . 8.66 -19.07 0.97
C6 AV7 I . 8.76 -18.72 -0.36
C7 AV7 I . 10.04 -17.45 -2.08
C8 AV7 I . 11.49 -17.24 -2.41
C9 AV7 I . 7.89 -19.29 -1.28
O1 AV7 I . 9.16 -17.30 -2.91
O2 AV7 I . 3.76 -21.34 4.36
H8 AV7 I . 6.31 -20.69 -1.60
H11 AV7 I . 9.16 -20.13 5.84
H9 AV7 I . 6.17 -21.35 0.78
H10 AV7 I . 9.54 -19.77 3.43
H3 AV7 I . 10.43 -17.56 -0.09
H12 AV7 I . 6.94 -20.83 6.66
H1 AV7 I . 5.48 -20.80 2.62
H2 AV7 I . 9.32 -18.63 1.71
H5 AV7 I . 12.11 -17.36 -1.52
H4 AV7 I . 11.70 -16.24 -2.80
H6 AV7 I . 11.85 -17.96 -3.14
H7 AV7 I . 7.89 -19.02 -2.34
C1 EDO J . -0.97 -8.40 10.32
O1 EDO J . -1.09 -7.72 9.06
C2 EDO J . 0.09 -9.49 10.26
O2 EDO J . -0.17 -10.39 9.16
H11 EDO J . -0.69 -7.67 11.09
H12 EDO J . -1.93 -8.84 10.60
HO1 EDO J . -1.76 -7.04 9.13
H21 EDO J . 1.07 -9.04 10.14
H22 EDO J . 0.09 -10.06 11.19
HO2 EDO J . 0.52 -11.07 9.15
C1 EDO K . 10.89 -38.91 2.53
O1 EDO K . 11.68 -38.26 3.54
C2 EDO K . 11.82 -39.34 1.40
O2 EDO K . 12.96 -40.00 1.95
H11 EDO K . 10.40 -39.78 2.95
H12 EDO K . 10.14 -38.22 2.15
HO1 EDO K . 11.10 -37.99 4.26
H21 EDO K . 11.29 -40.02 0.73
H22 EDO K . 12.13 -38.46 0.82
HO2 EDO K . 13.55 -40.28 1.23
C1 EDO L . -1.83 -41.73 -14.51
O1 EDO L . -3.21 -41.52 -14.83
C2 EDO L . -1.27 -40.50 -13.83
O2 EDO L . -1.91 -40.34 -12.56
H11 EDO L . -1.75 -42.60 -13.85
H12 EDO L . -1.27 -41.95 -15.42
HO1 EDO L . -3.57 -42.30 -15.27
H21 EDO L . -0.19 -40.60 -13.69
H22 EDO L . -1.45 -39.62 -14.45
HO2 EDO L . -1.56 -39.56 -12.12
C1 EDO M . 16.57 -29.43 -4.88
O1 EDO M . 16.88 -29.74 -3.51
C2 EDO M . 15.37 -30.21 -5.36
O2 EDO M . 15.53 -31.61 -5.09
H11 EDO M . 16.37 -28.36 -4.97
H12 EDO M . 17.43 -29.66 -5.51
HO1 EDO M . 17.65 -29.22 -3.23
H21 EDO M . 14.47 -29.85 -4.86
H22 EDO M . 15.23 -30.06 -6.44
HO2 EDO M . 14.76 -32.09 -5.40
C10 AV7 N . -5.27 10.69 -21.42
C10 AV7 N . -5.30 9.93 -29.18
C13 AV7 N . -7.36 11.08 -27.19
C13 AV7 N . -9.15 13.36 -25.89
C11 AV7 N . -6.18 10.83 -22.46
C11 AV7 N . -6.50 10.43 -28.71
C12 AV7 N . -6.45 11.20 -26.15
C12 AV7 N . -7.94 12.89 -26.39
N AV7 N . -2.15 10.08 -23.36
N AV7 N . -3.04 10.96 -26.43
C AV7 N . -10.22 9.31 -25.50
C AV7 N . -11.45 10.49 -26.70
O AV7 N . -10.49 8.78 -24.43
O AV7 N . -12.55 10.90 -26.35
C1 AV7 N . -8.91 9.96 -25.74
C1 AV7 N . -10.23 11.32 -26.55
C14 AV7 N . -8.59 10.48 -26.99
C14 AV7 N . -10.29 12.58 -25.98
C2 AV7 N . -8.00 10.08 -24.70
C2 AV7 N . -9.01 10.85 -27.04
C3 AV7 N . -6.76 10.68 -24.89
C3 AV7 N . -7.86 11.62 -26.96
C4 AV7 N . -5.77 10.71 -23.78
C4 AV7 N . -6.57 11.10 -27.49
C5 AV7 N . -4.42 10.51 -24.05
C5 AV7 N . -5.40 11.25 -26.76
C6 AV7 N . -3.50 10.37 -23.02
C6 AV7 N . -4.18 10.76 -27.21
C7 AV7 N . -1.12 9.79 -22.53
C7 AV7 N . -1.77 10.56 -26.66
C8 AV7 N . 0.23 9.75 -23.19
C8 AV7 N . -0.73 11.22 -25.80
C9 AV7 N . -3.93 10.45 -21.69
C9 AV7 N . -4.14 10.09 -28.44
O1 AV7 N . -1.26 9.56 -21.33
O1 AV7 N . -1.47 9.74 -27.51
O2 AV7 N . -11.02 9.31 -26.52
O2 AV7 N . -11.24 9.33 -27.24
H8 AV7 N . -5.60 10.76 -20.39
H8 AV7 N . -5.26 9.42 -30.13
H11 AV7 N . -7.11 11.48 -28.17
H11 AV7 N . -9.20 14.35 -25.44
H9 AV7 N . -7.23 11.02 -22.24
H9 AV7 N . -7.41 10.31 -29.30
H10 AV7 N . -5.49 11.68 -26.31
H10 AV7 N . -7.05 13.51 -26.31
H3 AV7 N . -1.97 10.11 -24.35
H3 AV7 N . -3.21 11.50 -25.58
H12 AV7 N . -9.29 10.40 -27.82
H12 AV7 N . -11.23 12.96 -25.58
H1 AV7 N . -8.24 9.69 -23.71
H1 AV7 N . -8.94 9.87 -27.49
H2 AV7 N . -4.10 10.46 -25.08
H2 AV7 N . -5.45 11.77 -25.79
H5 AV7 N . 1.01 9.53 -22.47
H5 AV7 N . -0.90 11.01 -24.75
H4 AV7 N . 0.50 10.69 -23.66
H4 AV7 N . -0.72 12.31 -25.90
H6 AV7 N . 0.28 8.97 -23.96
H6 AV7 N . 0.28 10.87 -26.03
H7 AV7 N . -3.26 10.33 -20.85
H7 AV7 N . -3.22 9.67 -28.84
C1 EDO O . -19.23 20.53 -2.06
O1 EDO O . -20.09 19.98 -3.05
C2 EDO O . -20.05 21.08 -0.91
O2 EDO O . -20.71 20.02 -0.21
H11 EDO O . -18.55 19.75 -1.69
H12 EDO O . -18.63 21.33 -2.50
HO1 EDO O . -19.56 19.63 -3.78
H21 EDO O . -19.39 21.63 -0.22
H22 EDO O . -20.79 21.78 -1.29
HO2 EDO O . -21.22 20.38 0.52
C10 AV7 P . -2.66 25.89 20.54
C13 AV7 P . -4.47 26.62 14.70
C11 AV7 P . -3.53 25.91 19.47
C12 AV7 P . -3.61 26.69 15.78
N AV7 P . 0.39 27.26 18.99
C AV7 P . -7.46 24.92 16.25
O AV7 P . -7.77 24.40 17.31
C1 AV7 P . -6.12 25.54 16.07
C14 AV7 P . -5.72 26.04 14.84
C2 AV7 P . -5.25 25.61 17.15
C3 AV7 P . -3.99 26.19 17.03
C4 AV7 P . -3.08 26.26 18.20
C5 AV7 P . -1.75 26.63 18.05
C6 AV7 P . -0.89 26.64 19.13
C7 AV7 P . 1.29 27.54 19.97
C8 AV7 P . 2.26 28.62 19.62
C9 AV7 P . -1.33 26.24 20.38
O1 AV7 P . 1.30 26.98 21.05
O2 AV7 P . -8.23 24.94 15.19
H8 AV7 P . -3.02 25.60 21.53
H11 AV7 P . -4.16 27.01 13.74
H9 AV7 P . -4.59 25.67 19.62
H10 AV7 P . -2.63 27.14 15.66
H3 AV7 P . 0.63 27.51 18.04
H12 AV7 P . -6.39 26.00 13.99
H1 AV7 P . -5.54 25.22 18.12
H2 AV7 P . -1.39 26.90 17.05
H5 AV7 P . 3.18 28.21 19.21
H4 AV7 P . 2.56 29.23 20.47
H6 AV7 P . 1.87 29.31 18.86
H7 AV7 P . -0.68 26.17 21.25
C1 EDO Q . -16.16 36.20 39.59
O1 EDO Q . -17.20 35.77 38.69
C2 EDO Q . -16.74 36.69 40.90
O2 EDO Q . -17.56 35.67 41.51
H11 EDO Q . -15.48 35.36 39.78
H12 EDO Q . -15.58 37.00 39.12
HO1 EDO Q . -16.81 35.47 37.87
H21 EDO Q . -15.94 36.96 41.58
H22 EDO Q . -17.36 37.58 40.71
HO2 EDO Q . -17.92 36.00 42.33
C1 EDO R . -29.42 24.72 29.05
O1 EDO R . -29.64 24.57 30.46
C2 EDO R . -30.04 23.54 28.31
O2 EDO R . -29.39 22.33 28.73
H11 EDO R . -29.86 25.66 28.70
H12 EDO R . -28.34 24.76 28.85
HO1 EDO R . -29.25 25.32 30.92
H21 EDO R . -31.11 23.49 28.53
H22 EDO R . -29.92 23.67 27.23
HO2 EDO R . -29.77 21.57 28.27
C1 EDO S . -1.57 39.36 23.16
O1 EDO S . -0.84 40.03 22.14
C2 EDO S . -1.29 39.98 24.51
O2 EDO S . -2.53 40.07 25.24
H11 EDO S . -2.64 39.42 22.94
H12 EDO S . -1.29 38.30 23.18
HO1 EDO S . -1.02 39.61 21.28
H21 EDO S . -0.57 39.37 25.07
H22 EDO S . -0.87 40.98 24.38
HO2 EDO S . -2.37 40.46 26.11
#